data_6HHV
#
_entry.id   6HHV
#
_cell.length_a   82.218
_cell.length_b   112.826
_cell.length_c   88.533
_cell.angle_alpha   90.000
_cell.angle_beta   104.380
_cell.angle_gamma   90.000
#
_symmetry.space_group_name_H-M   'P 1 21 1'
#
loop_
_entity.id
_entity.type
_entity.pdbx_description
1 polymer 'Aspartate--tRNA(Asp) ligase'
2 non-polymer "5'-O-(N-(L-aspartyl)-sulfamoyl)N3-methyluridine"
3 water water
#
_entity_poly.entity_id   1
_entity_poly.type   'polypeptide(L)'
_entity_poly.pdbx_seq_one_letter_code
;GMRRTHYAGSLRETHVGEEVVLEGWVNRRRDLGGLIFLDLRDREGLVQLVAHPASPAYATAERVRPEWVVRAKGLVRLRP
EPNPRLATGRVEVELSALEVLAEAKTPPFPVDAGWRGEEEKEASEELRLKYRYLDLRRRRMQENLRLRHRVIKAIWDFLD
REGFVQVETPFLTKSTPEGARDFLVPYRHEPGLFYALPQSPQLFKQMLMVAGLDRYFQIARCFRDEDLRADRQPDFTQLD
LEMSFVEVEDVLELNERLMAHVFREALGVELPLPFPRLSYEEAMERYGSDKPDLRFGLELKEVGPLFRQSGFRVFQEAES
VKALALPKALSRKEVAELEEVAKRHKAQGLAWARVEEGGFSGGVAKFLEPVREALLQATEARPGDTLLFVAGPRKVAATA
LGAVRLRAADLLGLKREGFRFLWVVDFPLLEWDEEEEAWTYMHHPFTSPHPEDLPLLEKDPGRVRALAYDLVLNGVEVGG
GSIRIHDPRLQARVFRLLGIGEEEQREKFGFFLEALEYGAPPHGGIAWGLDRLLALMTGSPSIREVIAFPKNKEGKDPLT
GAPSPVPEEQLRELGLMVVRP
;
_entity_poly.pdbx_strand_id   A,B
#
# COMPACT_ATOMS: atom_id res chain seq x y z
N GLY A 1 -18.06 26.21 2.10
CA GLY A 1 -16.88 25.69 2.77
C GLY A 1 -17.18 25.11 4.14
N MET A 2 -16.12 24.80 4.88
CA MET A 2 -16.26 24.24 6.22
C MET A 2 -16.87 25.26 7.17
N ARG A 3 -17.44 24.74 8.28
CA ARG A 3 -17.96 25.63 9.32
C ARG A 3 -16.86 26.16 10.23
N ARG A 4 -15.83 25.36 10.50
CA ARG A 4 -14.77 25.82 11.39
C ARG A 4 -13.84 26.76 10.64
N THR A 5 -13.35 27.78 11.35
CA THR A 5 -12.39 28.71 10.77
C THR A 5 -10.95 28.28 11.00
N HIS A 6 -10.69 27.49 12.04
CA HIS A 6 -9.34 27.05 12.38
C HIS A 6 -9.41 25.71 13.09
N TYR A 7 -8.29 24.99 13.04
CA TYR A 7 -8.05 23.93 14.01
C TYR A 7 -7.94 24.54 15.40
N ALA A 8 -8.59 23.91 16.38
CA ALA A 8 -8.57 24.42 17.75
C ALA A 8 -7.14 24.59 18.25
N GLY A 9 -6.29 23.59 18.04
CA GLY A 9 -4.94 23.66 18.55
C GLY A 9 -4.01 24.60 17.82
N SER A 10 -4.45 25.23 16.73
CA SER A 10 -3.60 26.11 15.93
C SER A 10 -3.69 27.58 16.32
N LEU A 11 -4.57 27.94 17.26
CA LEU A 11 -4.73 29.34 17.61
C LEU A 11 -3.52 29.85 18.40
N ARG A 12 -3.09 31.07 18.09
CA ARG A 12 -1.96 31.72 18.73
C ARG A 12 -2.34 33.17 19.01
N GLU A 13 -1.41 33.92 19.60
CA GLU A 13 -1.68 35.32 19.90
C GLU A 13 -1.96 36.14 18.65
N THR A 14 -1.46 35.69 17.49
CA THR A 14 -1.71 36.40 16.25
C THR A 14 -3.20 36.45 15.90
N HIS A 15 -4.02 35.54 16.44
CA HIS A 15 -5.45 35.48 16.16
C HIS A 15 -6.30 36.29 17.13
N VAL A 16 -5.69 37.03 18.05
CA VAL A 16 -6.47 37.79 19.03
C VAL A 16 -7.33 38.80 18.31
N GLY A 17 -8.61 38.87 18.69
CA GLY A 17 -9.54 39.79 18.05
C GLY A 17 -10.36 39.19 16.94
N GLU A 18 -9.98 38.03 16.42
CA GLU A 18 -10.80 37.37 15.40
C GLU A 18 -11.94 36.59 16.04
N GLU A 19 -13.04 36.49 15.31
CA GLU A 19 -14.14 35.62 15.68
C GLU A 19 -13.92 34.27 15.00
N VAL A 20 -13.85 33.21 15.80
CA VAL A 20 -13.53 31.88 15.30
C VAL A 20 -14.74 30.97 15.47
N VAL A 21 -14.74 29.90 14.69
CA VAL A 21 -15.67 28.79 14.87
C VAL A 21 -14.83 27.52 14.94
N LEU A 22 -15.03 26.75 16.01
CA LEU A 22 -14.18 25.60 16.31
C LEU A 22 -15.05 24.37 16.53
N GLU A 23 -14.48 23.20 16.24
CA GLU A 23 -15.15 21.92 16.44
C GLU A 23 -14.14 20.92 17.01
N GLY A 24 -14.58 20.15 17.99
CA GLY A 24 -13.68 19.18 18.59
C GLY A 24 -14.33 18.51 19.78
N TRP A 25 -13.48 17.95 20.65
CA TRP A 25 -13.92 17.15 21.79
C TRP A 25 -13.62 17.88 23.09
N VAL A 26 -14.49 17.72 24.08
CA VAL A 26 -14.28 18.30 25.41
C VAL A 26 -13.24 17.45 26.15
N ASN A 27 -12.02 18.00 26.28
CA ASN A 27 -10.95 17.27 26.96
C ASN A 27 -11.16 17.28 28.47
N ARG A 28 -11.58 18.41 29.02
CA ARG A 28 -11.80 18.54 30.46
C ARG A 28 -12.64 19.77 30.69
N ARG A 29 -13.32 19.79 31.84
CA ARG A 29 -14.15 20.91 32.26
C ARG A 29 -13.81 21.27 33.70
N ARG A 30 -13.68 22.57 33.96
CA ARG A 30 -13.42 23.08 35.31
C ARG A 30 -14.26 24.33 35.55
N ASP A 31 -14.76 24.46 36.78
CA ASP A 31 -15.52 25.63 37.22
C ASP A 31 -14.69 26.39 38.26
N LEU A 32 -14.31 27.63 37.94
CA LEU A 32 -13.56 28.47 38.88
C LEU A 32 -14.14 29.87 38.88
N GLY A 33 -14.42 30.39 40.07
CA GLY A 33 -14.80 31.78 40.22
C GLY A 33 -16.04 32.19 39.48
N GLY A 34 -16.97 31.26 39.24
CA GLY A 34 -18.14 31.54 38.43
C GLY A 34 -17.92 31.44 36.94
N LEU A 35 -16.69 31.23 36.48
CA LEU A 35 -16.42 30.97 35.08
C LEU A 35 -16.38 29.47 34.83
N ILE A 36 -16.81 29.09 33.64
CA ILE A 36 -16.70 27.71 33.17
C ILE A 36 -15.57 27.64 32.16
N PHE A 37 -14.59 26.80 32.41
CA PHE A 37 -13.47 26.59 31.50
C PHE A 37 -13.63 25.25 30.80
N LEU A 38 -13.50 25.26 29.48
CA LEU A 38 -13.53 24.06 28.67
C LEU A 38 -12.25 23.98 27.84
N ASP A 39 -11.47 22.91 28.03
CA ASP A 39 -10.40 22.57 27.12
C ASP A 39 -11.01 21.91 25.89
N LEU A 40 -10.97 22.59 24.74
CA LEU A 40 -11.43 22.04 23.48
C LEU A 40 -10.25 21.46 22.71
N ARG A 41 -10.44 20.26 22.17
CA ARG A 41 -9.35 19.44 21.62
C ARG A 41 -9.62 19.04 20.18
N ASP A 42 -8.62 19.20 19.31
CA ASP A 42 -8.57 18.44 18.07
C ASP A 42 -7.11 18.06 17.82
N ARG A 43 -6.83 17.53 16.64
CA ARG A 43 -5.54 16.89 16.38
C ARG A 43 -4.37 17.85 16.49
N GLU A 44 -4.61 19.16 16.41
CA GLU A 44 -3.53 20.13 16.53
C GLU A 44 -3.30 20.63 17.96
N GLY A 45 -4.11 20.19 18.92
CA GLY A 45 -3.88 20.56 20.31
C GLY A 45 -5.14 21.07 20.98
N LEU A 46 -4.97 21.60 22.18
CA LEU A 46 -6.03 22.11 23.03
C LEU A 46 -6.11 23.63 22.95
N VAL A 47 -7.32 24.16 23.11
CA VAL A 47 -7.51 25.59 23.31
C VAL A 47 -8.55 25.79 24.40
N GLN A 48 -8.32 26.80 25.25
CA GLN A 48 -9.22 27.06 26.35
C GLN A 48 -10.40 27.90 25.87
N LEU A 49 -11.61 27.41 26.15
CA LEU A 49 -12.83 28.18 25.96
C LEU A 49 -13.32 28.63 27.32
N VAL A 50 -13.83 29.85 27.39
CA VAL A 50 -14.30 30.43 28.63
C VAL A 50 -15.74 30.86 28.43
N ALA A 51 -16.64 30.33 29.26
CA ALA A 51 -18.05 30.73 29.26
C ALA A 51 -18.28 31.63 30.47
N HIS A 52 -18.74 32.84 30.22
CA HIS A 52 -19.06 33.80 31.27
C HIS A 52 -20.55 33.75 31.60
N PRO A 53 -20.93 34.15 32.82
CA PRO A 53 -22.33 34.01 33.24
C PRO A 53 -23.33 34.71 32.33
N ALA A 54 -22.95 35.83 31.71
CA ALA A 54 -23.88 36.54 30.83
C ALA A 54 -23.96 35.92 29.44
N SER A 55 -23.08 34.96 29.12
CA SER A 55 -22.98 34.44 27.76
C SER A 55 -24.14 33.50 27.45
N PRO A 56 -24.67 33.56 26.21
CA PRO A 56 -25.69 32.59 25.80
C PRO A 56 -25.25 31.13 25.92
N ALA A 57 -23.96 30.84 25.94
CA ALA A 57 -23.48 29.47 25.99
C ALA A 57 -23.28 28.96 27.41
N TYR A 58 -23.69 29.74 28.42
CA TYR A 58 -23.30 29.43 29.79
C TYR A 58 -23.95 28.15 30.29
N ALA A 59 -25.27 28.00 30.11
CA ALA A 59 -25.93 26.79 30.56
C ALA A 59 -25.45 25.56 29.79
N THR A 60 -25.24 25.69 28.48
CA THR A 60 -24.69 24.58 27.69
C THR A 60 -23.31 24.17 28.21
N ALA A 61 -22.44 25.14 28.50
CA ALA A 61 -21.09 24.80 28.93
C ALA A 61 -21.09 24.06 30.26
N GLU A 62 -22.10 24.31 31.11
CA GLU A 62 -22.18 23.65 32.40
C GLU A 62 -22.59 22.19 32.27
N ARG A 63 -23.36 21.85 31.23
CA ARG A 63 -23.85 20.49 31.10
C ARG A 63 -22.96 19.57 30.26
N VAL A 64 -21.98 20.12 29.52
CA VAL A 64 -21.15 19.25 28.69
C VAL A 64 -20.17 18.48 29.57
N ARG A 65 -19.75 17.31 29.07
CA ARG A 65 -18.95 16.35 29.81
C ARG A 65 -17.78 15.91 28.94
N PRO A 66 -16.76 15.29 29.54
CA PRO A 66 -15.58 14.92 28.74
C PRO A 66 -15.94 14.08 27.53
N GLU A 67 -15.21 14.30 26.44
CA GLU A 67 -15.27 13.59 25.17
C GLU A 67 -16.54 13.89 24.38
N TRP A 68 -17.44 14.74 24.87
CA TRP A 68 -18.52 15.23 24.02
C TRP A 68 -17.96 16.02 22.85
N VAL A 69 -18.57 15.85 21.67
CA VAL A 69 -18.20 16.62 20.49
C VAL A 69 -19.05 17.87 20.45
N VAL A 70 -18.41 19.02 20.26
CA VAL A 70 -19.10 20.30 20.30
C VAL A 70 -18.61 21.17 19.14
N ARG A 71 -19.41 22.19 18.81
CA ARG A 71 -18.99 23.30 17.98
C ARG A 71 -19.07 24.58 18.81
N ALA A 72 -17.96 25.30 18.87
CA ALA A 72 -17.89 26.51 19.69
C ALA A 72 -17.66 27.72 18.80
N LYS A 73 -18.29 28.84 19.15
CA LYS A 73 -18.07 30.13 18.49
C LYS A 73 -17.74 31.16 19.55
N GLY A 74 -16.78 32.03 19.25
CA GLY A 74 -16.40 33.05 20.19
C GLY A 74 -15.28 33.90 19.64
N LEU A 75 -14.70 34.72 20.51
CA LEU A 75 -13.65 35.63 20.07
C LEU A 75 -12.36 35.33 20.82
N VAL A 76 -11.25 35.35 20.09
CA VAL A 76 -9.95 35.00 20.66
C VAL A 76 -9.46 36.14 21.55
N ARG A 77 -9.14 35.81 22.80
CA ARG A 77 -8.62 36.76 23.78
C ARG A 77 -7.25 36.30 24.27
N LEU A 78 -6.46 37.26 24.76
CA LEU A 78 -5.29 36.91 25.55
C LEU A 78 -5.73 36.33 26.90
N ARG A 79 -5.02 35.29 27.36
CA ARG A 79 -5.20 34.88 28.74
C ARG A 79 -4.58 35.93 29.67
N PRO A 80 -5.13 36.08 30.89
CA PRO A 80 -4.43 36.93 31.86
C PRO A 80 -3.02 36.43 32.18
N GLU A 81 -2.85 35.11 32.33
CA GLU A 81 -1.55 34.49 32.47
C GLU A 81 -1.45 33.33 31.49
N PRO A 82 -0.38 33.26 30.70
CA PRO A 82 -0.26 32.16 29.73
C PRO A 82 0.07 30.84 30.42
N ASN A 83 -0.38 29.75 29.79
CA ASN A 83 0.03 28.42 30.20
C ASN A 83 1.05 27.91 29.20
N PRO A 84 2.35 27.94 29.52
CA PRO A 84 3.37 27.60 28.52
C PRO A 84 3.37 26.12 28.12
N ARG A 85 2.61 25.27 28.80
CA ARG A 85 2.55 23.85 28.42
C ARG A 85 1.61 23.60 27.25
N LEU A 86 0.87 24.61 26.81
CA LEU A 86 0.03 24.53 25.62
C LEU A 86 0.55 25.48 24.56
N ALA A 87 0.59 25.02 23.30
CA ALA A 87 0.98 25.92 22.21
C ALA A 87 0.01 27.08 22.06
N THR A 88 -1.27 26.87 22.39
CA THR A 88 -2.25 27.94 22.42
C THR A 88 -2.25 28.70 23.74
N GLY A 89 -1.24 28.49 24.59
CA GLY A 89 -1.30 28.93 25.97
C GLY A 89 -1.45 30.42 26.21
N ARG A 90 -1.13 31.26 25.22
CA ARG A 90 -1.30 32.69 25.43
C ARG A 90 -2.74 33.16 25.23
N VAL A 91 -3.61 32.32 24.67
CA VAL A 91 -4.95 32.76 24.28
C VAL A 91 -6.03 31.85 24.82
N GLU A 92 -7.25 32.36 24.76
CA GLU A 92 -8.47 31.63 25.08
C GLU A 92 -9.57 32.19 24.19
N VAL A 93 -10.72 31.54 24.20
CA VAL A 93 -11.86 31.96 23.39
C VAL A 93 -13.02 32.26 24.31
N GLU A 94 -13.44 33.53 24.34
CA GLU A 94 -14.64 33.90 25.08
C GLU A 94 -15.86 33.39 24.33
N LEU A 95 -16.58 32.43 24.93
CA LEU A 95 -17.66 31.76 24.23
C LEU A 95 -18.85 32.68 24.06
N SER A 96 -19.34 32.79 22.83
CA SER A 96 -20.65 33.34 22.57
C SER A 96 -21.69 32.27 22.27
N ALA A 97 -21.24 31.11 21.78
CA ALA A 97 -22.15 30.05 21.39
C ALA A 97 -21.47 28.70 21.61
N LEU A 98 -22.26 27.69 21.95
CA LEU A 98 -21.78 26.34 22.19
C LEU A 98 -22.88 25.36 21.82
N GLU A 99 -22.56 24.44 20.91
CA GLU A 99 -23.54 23.49 20.39
C GLU A 99 -22.99 22.08 20.58
N VAL A 100 -23.84 21.18 21.07
CA VAL A 100 -23.46 19.78 21.28
C VAL A 100 -23.80 19.01 20.01
N LEU A 101 -22.78 18.37 19.42
CA LEU A 101 -22.95 17.55 18.22
C LEU A 101 -23.03 16.06 18.53
N ALA A 102 -22.44 15.61 19.63
CA ALA A 102 -22.52 14.22 20.04
C ALA A 102 -22.17 14.11 21.52
N GLU A 103 -22.99 13.39 22.28
CA GLU A 103 -22.63 13.08 23.64
C GLU A 103 -21.70 11.87 23.67
N ALA A 104 -21.17 11.56 24.85
CA ALA A 104 -20.18 10.50 24.95
C ALA A 104 -20.26 9.77 26.29
N LYS A 105 -20.18 8.45 26.24
CA LYS A 105 -19.97 7.65 27.44
C LYS A 105 -18.59 7.94 28.03
N THR A 106 -18.48 7.78 29.34
CA THR A 106 -17.19 7.89 30.02
C THR A 106 -16.21 6.84 29.46
N PRO A 107 -15.09 7.24 28.89
CA PRO A 107 -14.18 6.27 28.27
C PRO A 107 -13.59 5.32 29.29
N PRO A 108 -13.18 4.12 28.87
CA PRO A 108 -12.63 3.15 29.83
C PRO A 108 -11.25 3.53 30.37
N PHE A 109 -10.58 4.49 29.76
CA PHE A 109 -9.31 5.02 30.25
C PHE A 109 -9.22 6.47 29.84
N PRO A 110 -8.35 7.25 30.47
CA PRO A 110 -8.21 8.66 30.09
C PRO A 110 -7.37 8.84 28.85
N VAL A 111 -7.74 9.85 28.05
CA VAL A 111 -7.01 10.19 26.84
C VAL A 111 -6.66 11.68 26.87
N ASP A 112 -6.89 12.33 28.00
CA ASP A 112 -6.81 13.79 28.07
C ASP A 112 -5.46 14.32 28.53
N ALA A 113 -4.68 13.54 29.29
CA ALA A 113 -3.52 14.11 29.98
C ALA A 113 -2.40 14.50 29.03
N GLY A 114 -2.09 13.65 28.06
CA GLY A 114 -1.00 13.95 27.14
C GLY A 114 -1.16 15.28 26.43
N TRP A 115 -2.40 15.63 26.06
CA TRP A 115 -2.63 16.89 25.35
C TRP A 115 -2.33 18.11 26.21
N ARG A 116 -2.41 17.99 27.54
CA ARG A 116 -1.96 19.03 28.45
C ARG A 116 -0.47 18.99 28.72
N GLY A 117 0.27 18.09 28.06
CA GLY A 117 1.68 17.96 28.37
C GLY A 117 1.98 17.28 29.69
N GLU A 118 1.03 16.51 30.22
CA GLU A 118 1.22 15.74 31.44
C GLU A 118 1.54 14.29 31.09
N GLU A 119 2.21 13.61 32.02
CA GLU A 119 2.50 12.20 31.80
C GLU A 119 1.24 11.37 31.95
N GLU A 120 1.18 10.26 31.23
CA GLU A 120 -0.01 9.42 31.19
C GLU A 120 0.26 8.09 31.89
N LYS A 121 -0.66 7.66 32.73
CA LYS A 121 -0.52 6.38 33.42
C LYS A 121 -0.71 5.22 32.44
N GLU A 122 0.14 4.21 32.57
CA GLU A 122 0.06 3.06 31.67
C GLU A 122 -1.26 2.32 31.88
N ALA A 123 -1.92 2.00 30.78
CA ALA A 123 -3.16 1.23 30.80
C ALA A 123 -2.93 -0.14 30.19
N SER A 124 -3.79 -1.09 30.56
CA SER A 124 -3.73 -2.43 29.99
C SER A 124 -3.72 -2.36 28.48
N GLU A 125 -2.67 -2.90 27.85
CA GLU A 125 -2.60 -2.85 26.40
C GLU A 125 -3.79 -3.58 25.77
N GLU A 126 -4.20 -4.70 26.34
CA GLU A 126 -5.37 -5.41 25.85
C GLU A 126 -6.60 -4.52 25.91
N LEU A 127 -6.73 -3.71 26.98
CA LEU A 127 -7.82 -2.75 27.05
C LEU A 127 -7.63 -1.64 26.03
N ARG A 128 -6.37 -1.23 25.80
CA ARG A 128 -6.09 -0.22 24.78
C ARG A 128 -6.43 -0.73 23.38
N LEU A 129 -6.22 -2.02 23.11
CA LEU A 129 -6.48 -2.54 21.77
C LEU A 129 -7.97 -2.78 21.54
N LYS A 130 -8.67 -3.25 22.56
CA LYS A 130 -10.12 -3.42 22.46
C LYS A 130 -10.81 -2.10 22.18
N TYR A 131 -10.30 -1.01 22.76
CA TYR A 131 -10.84 0.32 22.50
C TYR A 131 -9.82 1.16 21.76
N ARG A 132 -9.27 0.60 20.68
CA ARG A 132 -8.16 1.23 19.98
C ARG A 132 -8.55 2.57 19.38
N TYR A 133 -9.79 2.71 18.90
CA TYR A 133 -10.24 3.99 18.40
C TYR A 133 -10.21 5.08 19.47
N LEU A 134 -10.32 4.69 20.75
CA LEU A 134 -10.15 5.65 21.84
C LEU A 134 -8.68 5.80 22.23
N ASP A 135 -7.90 4.72 22.22
CA ASP A 135 -6.46 4.82 22.47
C ASP A 135 -5.79 5.75 21.47
N LEU A 136 -6.28 5.75 20.22
CA LEU A 136 -5.71 6.58 19.17
C LEU A 136 -6.08 8.05 19.31
N ARG A 137 -6.96 8.40 20.26
CA ARG A 137 -7.19 9.80 20.58
C ARG A 137 -6.00 10.41 21.32
N ARG A 138 -5.19 9.60 22.00
CA ARG A 138 -4.10 10.13 22.81
C ARG A 138 -3.08 10.84 21.94
N ARG A 139 -2.52 11.93 22.48
CA ARG A 139 -1.52 12.70 21.73
C ARG A 139 -0.38 11.83 21.25
N ARG A 140 0.11 10.95 22.12
CA ARG A 140 1.25 10.09 21.79
C ARG A 140 0.99 9.24 20.55
N MET A 141 -0.21 8.64 20.47
CA MET A 141 -0.49 7.74 19.36
C MET A 141 -0.66 8.51 18.05
N GLN A 142 -1.24 9.71 18.11
CA GLN A 142 -1.40 10.50 16.90
C GLN A 142 -0.06 11.01 16.38
N GLU A 143 0.89 11.30 17.29
CA GLU A 143 2.23 11.67 16.85
C GLU A 143 2.91 10.52 16.14
N ASN A 144 2.79 9.30 16.68
CA ASN A 144 3.37 8.13 16.01
C ASN A 144 2.79 7.96 14.61
N LEU A 145 1.46 8.00 14.48
CA LEU A 145 0.84 7.77 13.17
C LEU A 145 1.17 8.89 12.20
N ARG A 146 1.27 10.12 12.70
CA ARG A 146 1.61 11.22 11.81
C ARG A 146 3.09 11.22 11.44
N LEU A 147 3.96 10.69 12.30
CA LEU A 147 5.36 10.50 11.90
C LEU A 147 5.47 9.44 10.82
N ARG A 148 4.74 8.34 10.97
CA ARG A 148 4.69 7.30 9.95
C ARG A 148 4.27 7.87 8.60
N HIS A 149 3.28 8.76 8.60
CA HIS A 149 2.91 9.48 7.37
C HIS A 149 4.10 10.25 6.82
N ARG A 150 4.77 11.02 7.67
CA ARG A 150 5.86 11.86 7.17
C ARG A 150 7.03 11.03 6.66
N VAL A 151 7.28 9.87 7.26
CA VAL A 151 8.36 9.00 6.80
C VAL A 151 8.06 8.47 5.42
N ILE A 152 6.85 7.94 5.22
CA ILE A 152 6.50 7.35 3.92
C ILE A 152 6.50 8.42 2.83
N LYS A 153 5.97 9.62 3.14
CA LYS A 153 5.98 10.70 2.17
C LYS A 153 7.41 11.11 1.80
N ALA A 154 8.31 11.14 2.79
CA ALA A 154 9.70 11.46 2.50
C ALA A 154 10.35 10.38 1.64
N ILE A 155 10.02 9.12 1.88
CA ILE A 155 10.50 8.03 1.04
C ILE A 155 10.04 8.21 -0.40
N TRP A 156 8.74 8.52 -0.58
CA TRP A 156 8.23 8.78 -1.93
C TRP A 156 8.97 9.93 -2.58
N ASP A 157 9.11 11.06 -1.88
CA ASP A 157 9.79 12.22 -2.46
C ASP A 157 11.19 11.87 -2.92
N PHE A 158 11.96 11.19 -2.06
CA PHE A 158 13.35 10.88 -2.40
C PHE A 158 13.43 9.90 -3.56
N LEU A 159 12.74 8.76 -3.45
CA LEU A 159 12.90 7.72 -4.47
C LEU A 159 12.32 8.15 -5.80
N ASP A 160 11.29 9.00 -5.79
CA ASP A 160 10.78 9.56 -7.03
C ASP A 160 11.83 10.45 -7.70
N ARG A 161 12.54 11.24 -6.89
CA ARG A 161 13.59 12.11 -7.44
C ARG A 161 14.74 11.30 -8.03
N GLU A 162 15.01 10.13 -7.46
CA GLU A 162 16.10 9.26 -7.91
C GLU A 162 15.67 8.30 -9.02
N GLY A 163 14.45 8.41 -9.51
CA GLY A 163 14.01 7.64 -10.66
C GLY A 163 13.40 6.28 -10.37
N PHE A 164 13.07 5.99 -9.11
CA PHE A 164 12.41 4.73 -8.77
C PHE A 164 10.94 4.77 -9.17
N VAL A 165 10.43 3.64 -9.64
CA VAL A 165 9.02 3.48 -9.97
C VAL A 165 8.37 2.66 -8.86
N GLN A 166 7.35 3.22 -8.23
CA GLN A 166 6.52 2.44 -7.31
C GLN A 166 5.65 1.49 -8.09
N VAL A 167 5.71 0.21 -7.73
CA VAL A 167 4.90 -0.81 -8.36
C VAL A 167 4.23 -1.65 -7.28
N GLU A 168 2.92 -1.82 -7.38
CA GLU A 168 2.16 -2.63 -6.44
C GLU A 168 2.13 -4.08 -6.95
N THR A 169 2.47 -5.02 -6.07
CA THR A 169 2.59 -6.42 -6.41
C THR A 169 1.45 -7.24 -5.78
N PRO A 170 1.26 -8.50 -6.20
CA PRO A 170 0.07 -9.23 -5.77
C PRO A 170 0.03 -9.55 -4.29
N PHE A 171 -1.20 -9.67 -3.78
CA PHE A 171 -1.46 -10.21 -2.46
C PHE A 171 -1.95 -11.65 -2.50
N LEU A 172 -2.56 -12.06 -3.62
CA LEU A 172 -3.04 -13.42 -3.82
C LEU A 172 -2.09 -14.08 -4.80
N THR A 173 -1.22 -14.96 -4.30
CA THR A 173 -0.14 -15.48 -5.14
C THR A 173 0.02 -16.97 -4.86
N LYS A 174 1.16 -17.51 -5.28
CA LYS A 174 1.38 -18.95 -5.29
C LYS A 174 1.86 -19.42 -3.92
N SER A 175 1.17 -20.41 -3.37
CA SER A 175 1.62 -21.06 -2.15
C SER A 175 2.72 -22.05 -2.49
N THR A 176 3.87 -21.92 -1.83
CA THR A 176 4.95 -22.87 -1.99
C THR A 176 5.29 -23.50 -0.64
N PRO A 177 5.64 -24.79 -0.62
CA PRO A 177 5.99 -25.45 0.65
C PRO A 177 7.38 -25.07 1.12
N GLU A 178 7.91 -23.97 0.59
CA GLU A 178 9.28 -23.53 0.86
C GLU A 178 9.31 -22.71 2.15
N GLY A 179 9.81 -23.31 3.21
CA GLY A 179 10.19 -22.53 4.39
C GLY A 179 9.00 -22.12 5.21
N ALA A 180 8.94 -20.82 5.53
CA ALA A 180 7.94 -20.29 6.46
C ALA A 180 6.53 -20.57 5.95
N ARG A 181 5.62 -20.76 6.88
CA ARG A 181 4.26 -21.16 6.52
C ARG A 181 3.51 -19.98 5.93
N ASP A 182 2.68 -20.28 4.91
CA ASP A 182 1.86 -19.27 4.26
C ASP A 182 0.50 -19.18 4.94
N PHE A 183 -0.04 -17.97 5.02
CA PHE A 183 -1.47 -17.81 5.19
C PHE A 183 -2.17 -18.16 3.88
N LEU A 184 -3.19 -19.01 3.95
CA LEU A 184 -3.88 -19.51 2.77
C LEU A 184 -5.23 -18.82 2.59
N VAL A 185 -5.69 -18.74 1.34
CA VAL A 185 -6.99 -18.19 1.00
C VAL A 185 -7.71 -19.20 0.08
N PRO A 186 -8.83 -19.79 0.52
CA PRO A 186 -9.49 -20.81 -0.32
C PRO A 186 -10.05 -20.19 -1.59
N TYR A 187 -9.93 -20.93 -2.69
CA TYR A 187 -10.46 -20.54 -3.99
C TYR A 187 -11.85 -21.15 -4.12
N ARG A 188 -12.88 -20.30 -4.13
CA ARG A 188 -14.26 -20.76 -3.99
C ARG A 188 -14.67 -21.67 -5.16
N HIS A 189 -14.31 -21.31 -6.38
CA HIS A 189 -14.87 -22.02 -7.54
C HIS A 189 -14.29 -23.42 -7.72
N GLU A 190 -13.16 -23.73 -7.09
CA GLU A 190 -12.57 -25.07 -7.15
C GLU A 190 -12.04 -25.45 -5.78
N PRO A 191 -12.86 -26.11 -4.95
CA PRO A 191 -12.42 -26.45 -3.58
C PRO A 191 -11.22 -27.38 -3.59
N GLY A 192 -10.23 -27.05 -2.76
CA GLY A 192 -8.95 -27.74 -2.75
C GLY A 192 -7.81 -26.90 -3.27
N LEU A 193 -8.11 -25.81 -3.96
CA LEU A 193 -7.10 -24.87 -4.44
C LEU A 193 -7.08 -23.64 -3.53
N PHE A 194 -5.88 -23.09 -3.37
CA PHE A 194 -5.67 -21.98 -2.44
C PHE A 194 -4.73 -20.95 -3.07
N TYR A 195 -4.99 -19.69 -2.78
CA TYR A 195 -3.97 -18.66 -2.89
C TYR A 195 -3.20 -18.60 -1.59
N ALA A 196 -2.00 -18.03 -1.66
CA ALA A 196 -1.24 -17.67 -0.47
C ALA A 196 -1.10 -16.16 -0.41
N LEU A 197 -1.05 -15.62 0.81
CA LEU A 197 -0.59 -14.26 0.96
C LEU A 197 0.95 -14.24 0.85
N PRO A 198 1.54 -13.14 0.36
CA PRO A 198 2.97 -13.15 0.06
C PRO A 198 3.82 -12.96 1.31
N GLN A 199 4.88 -13.77 1.40
CA GLN A 199 5.87 -13.61 2.46
C GLN A 199 6.67 -12.33 2.29
N SER A 200 6.86 -11.88 1.05
CA SER A 200 7.56 -10.67 0.65
C SER A 200 7.39 -10.55 -0.87
N PRO A 201 7.69 -9.40 -1.46
CA PRO A 201 7.58 -9.27 -2.93
C PRO A 201 8.80 -9.73 -3.71
N GLN A 202 9.72 -10.49 -3.08
CA GLN A 202 11.03 -10.81 -3.64
C GLN A 202 10.99 -11.22 -5.10
N LEU A 203 10.20 -12.26 -5.42
CA LEU A 203 10.21 -12.76 -6.80
C LEU A 203 9.57 -11.76 -7.76
N PHE A 204 8.55 -11.02 -7.32
CA PHE A 204 7.95 -10.03 -8.21
C PHE A 204 8.91 -8.88 -8.48
N LYS A 205 9.65 -8.42 -7.46
CA LYS A 205 10.52 -7.28 -7.71
C LYS A 205 11.73 -7.67 -8.55
N GLN A 206 12.20 -8.92 -8.43
CA GLN A 206 13.25 -9.38 -9.32
C GLN A 206 12.73 -9.48 -10.76
N MET A 207 11.50 -9.97 -10.93
CA MET A 207 10.91 -10.03 -12.26
C MET A 207 10.72 -8.64 -12.85
N LEU A 208 10.50 -7.63 -12.00
CA LEU A 208 10.41 -6.26 -12.49
C LEU A 208 11.75 -5.77 -13.03
N MET A 209 12.86 -6.27 -12.47
CA MET A 209 14.17 -5.98 -13.05
C MET A 209 14.34 -6.70 -14.39
N VAL A 210 13.87 -7.95 -14.48
CA VAL A 210 13.89 -8.66 -15.74
C VAL A 210 13.06 -7.94 -16.79
N ALA A 211 12.03 -7.20 -16.36
CA ALA A 211 11.17 -6.45 -17.26
C ALA A 211 11.76 -5.11 -17.69
N GLY A 212 12.91 -4.72 -17.14
CA GLY A 212 13.55 -3.52 -17.60
C GLY A 212 13.10 -2.23 -16.94
N LEU A 213 12.38 -2.32 -15.81
CA LEU A 213 11.96 -1.09 -15.13
C LEU A 213 13.10 -0.40 -14.40
N ASP A 214 14.27 -1.05 -14.31
CA ASP A 214 15.51 -0.50 -13.76
C ASP A 214 15.54 -0.28 -12.25
N ARG A 215 14.51 0.36 -11.69
CA ARG A 215 14.50 0.60 -10.24
C ARG A 215 13.07 0.71 -9.76
N TYR A 216 12.77 0.02 -8.64
CA TYR A 216 11.42 -0.17 -8.15
C TYR A 216 11.39 0.05 -6.65
N PHE A 217 10.23 0.47 -6.13
CA PHE A 217 10.02 0.39 -4.70
C PHE A 217 8.53 0.20 -4.43
N GLN A 218 8.24 -0.20 -3.20
CA GLN A 218 6.88 -0.44 -2.74
C GLN A 218 6.89 -0.40 -1.22
N ILE A 219 5.89 0.27 -0.64
CA ILE A 219 5.58 0.09 0.78
C ILE A 219 4.73 -1.18 0.85
N ALA A 220 5.36 -2.30 1.18
CA ALA A 220 4.77 -3.62 0.96
C ALA A 220 4.38 -4.27 2.26
N ARG A 221 3.22 -4.92 2.26
CA ARG A 221 2.77 -5.73 3.39
C ARG A 221 3.21 -7.17 3.17
N CYS A 222 3.80 -7.76 4.21
CA CYS A 222 4.33 -9.11 4.18
C CYS A 222 3.61 -9.95 5.21
N PHE A 223 3.36 -11.21 4.89
CA PHE A 223 2.52 -12.09 5.69
C PHE A 223 3.28 -13.38 5.95
N ARG A 224 3.54 -13.67 7.23
CA ARG A 224 4.31 -14.86 7.62
C ARG A 224 3.64 -15.49 8.84
N ASP A 225 3.06 -16.68 8.64
CA ASP A 225 2.32 -17.38 9.71
C ASP A 225 3.29 -18.25 10.50
N GLU A 226 4.09 -17.59 11.35
CA GLU A 226 5.05 -18.30 12.19
C GLU A 226 4.91 -17.83 13.63
N ASP A 227 5.90 -18.20 14.46
CA ASP A 227 5.92 -17.84 15.87
C ASP A 227 5.80 -16.33 16.04
N LEU A 228 4.80 -15.88 16.78
CA LEU A 228 4.55 -14.46 16.98
C LEU A 228 5.26 -13.90 18.21
N ARG A 229 6.04 -14.71 18.93
CA ARG A 229 6.87 -14.19 20.00
C ARG A 229 7.95 -13.27 19.44
N ALA A 230 8.58 -12.52 20.33
CA ALA A 230 9.60 -11.54 19.99
C ALA A 230 9.01 -10.43 19.10
N ASP A 231 7.86 -9.90 19.53
CA ASP A 231 7.26 -8.68 18.95
C ASP A 231 6.93 -8.85 17.47
N ARG A 232 6.56 -10.05 17.05
CA ARG A 232 6.14 -10.27 15.68
C ARG A 232 4.62 -10.16 15.57
N GLN A 233 4.16 -9.55 14.50
CA GLN A 233 2.79 -9.45 14.04
C GLN A 233 2.55 -10.43 12.88
N PRO A 234 1.33 -10.91 12.69
CA PRO A 234 1.11 -11.85 11.57
C PRO A 234 1.39 -11.21 10.21
N ASP A 235 1.20 -9.90 10.08
CA ASP A 235 1.68 -9.16 8.92
C ASP A 235 2.39 -7.90 9.38
N PHE A 236 3.29 -7.40 8.55
CA PHE A 236 4.09 -6.22 8.85
C PHE A 236 4.43 -5.53 7.54
N THR A 237 5.04 -4.35 7.66
CA THR A 237 5.27 -3.47 6.53
C THR A 237 6.76 -3.35 6.23
N GLN A 238 7.12 -3.55 4.97
CA GLN A 238 8.46 -3.30 4.47
C GLN A 238 8.47 -2.10 3.55
N LEU A 239 9.55 -1.31 3.62
CA LEU A 239 9.97 -0.55 2.44
C LEU A 239 10.83 -1.49 1.60
N ASP A 240 10.32 -1.85 0.44
CA ASP A 240 10.94 -2.85 -0.42
C ASP A 240 11.47 -2.15 -1.67
N LEU A 241 12.73 -2.42 -2.04
CA LEU A 241 13.25 -1.79 -3.25
C LEU A 241 14.26 -2.69 -3.96
N GLU A 242 14.46 -2.41 -5.25
CA GLU A 242 15.31 -3.21 -6.12
C GLU A 242 15.86 -2.32 -7.21
N MET A 243 17.13 -2.55 -7.59
CA MET A 243 17.81 -1.75 -8.59
C MET A 243 18.58 -2.66 -9.55
N SER A 244 18.78 -2.18 -10.78
CA SER A 244 19.52 -2.91 -11.80
C SER A 244 20.92 -2.32 -11.99
N PHE A 245 21.85 -3.16 -12.45
CA PHE A 245 23.22 -2.72 -12.79
C PHE A 245 23.92 -2.07 -11.60
N VAL A 246 23.79 -2.69 -10.42
CA VAL A 246 24.36 -2.16 -9.18
C VAL A 246 25.33 -3.17 -8.58
N GLU A 247 26.33 -2.65 -7.87
CA GLU A 247 27.15 -3.42 -6.95
C GLU A 247 26.65 -3.19 -5.54
N VAL A 248 27.22 -3.92 -4.57
CA VAL A 248 26.84 -3.73 -3.17
C VAL A 248 26.93 -2.26 -2.81
N GLU A 249 28.05 -1.63 -3.20
CA GLU A 249 28.29 -0.23 -2.89
C GLU A 249 27.17 0.68 -3.37
N ASP A 250 26.61 0.39 -4.56
CA ASP A 250 25.56 1.25 -5.09
C ASP A 250 24.30 1.16 -4.24
N VAL A 251 23.97 -0.03 -3.73
CA VAL A 251 22.78 -0.17 -2.93
C VAL A 251 22.95 0.48 -1.56
N LEU A 252 24.12 0.27 -0.94
CA LEU A 252 24.37 0.87 0.37
C LEU A 252 24.32 2.39 0.29
N GLU A 253 24.96 2.95 -0.74
CA GLU A 253 25.04 4.40 -0.87
C GLU A 253 23.66 5.00 -1.05
N LEU A 254 22.83 4.39 -1.91
CA LEU A 254 21.47 4.87 -2.11
C LEU A 254 20.67 4.81 -0.81
N ASN A 255 20.78 3.70 -0.07
CA ASN A 255 20.00 3.55 1.14
C ASN A 255 20.47 4.48 2.26
N GLU A 256 21.76 4.81 2.30
CA GLU A 256 22.27 5.77 3.28
C GLU A 256 21.68 7.16 3.05
N ARG A 257 21.72 7.63 1.79
CA ARG A 257 21.20 8.95 1.51
C ARG A 257 19.69 9.00 1.75
N LEU A 258 18.98 7.92 1.42
CA LEU A 258 17.54 7.86 1.64
C LEU A 258 17.23 7.93 3.14
N MET A 259 17.97 7.18 3.94
CA MET A 259 17.72 7.18 5.38
C MET A 259 18.01 8.56 5.98
N ALA A 260 19.09 9.20 5.55
CA ALA A 260 19.40 10.53 6.04
C ALA A 260 18.32 11.53 5.63
N HIS A 261 17.82 11.40 4.40
CA HIS A 261 16.70 12.24 3.98
C HIS A 261 15.48 12.04 4.87
N VAL A 262 15.16 10.78 5.19
CA VAL A 262 13.99 10.48 6.01
C VAL A 262 14.14 11.10 7.39
N PHE A 263 15.30 10.91 8.02
CA PHE A 263 15.48 11.42 9.37
C PHE A 263 15.49 12.94 9.40
N ARG A 264 16.12 13.57 8.40
CA ARG A 264 16.11 15.02 8.31
C ARG A 264 14.69 15.56 8.18
N GLU A 265 13.90 14.98 7.27
CA GLU A 265 12.59 15.51 6.96
C GLU A 265 11.56 15.18 8.04
N ALA A 266 11.55 13.94 8.52
CA ALA A 266 10.47 13.50 9.41
C ALA A 266 10.79 13.69 10.89
N LEU A 267 12.06 13.73 11.26
CA LEU A 267 12.46 13.89 12.65
C LEU A 267 13.25 15.14 12.95
N GLY A 268 13.74 15.85 11.93
CA GLY A 268 14.65 16.94 12.16
C GLY A 268 15.98 16.51 12.73
N VAL A 269 16.44 15.30 12.42
CA VAL A 269 17.68 14.75 12.94
C VAL A 269 18.66 14.58 11.80
N GLU A 270 19.92 14.92 12.04
CA GLU A 270 20.97 14.86 11.04
C GLU A 270 21.79 13.59 11.24
N LEU A 271 21.86 12.75 10.21
CA LEU A 271 22.64 11.53 10.27
C LEU A 271 23.95 11.72 9.52
N PRO A 272 25.11 11.64 10.17
CA PRO A 272 26.37 11.75 9.43
C PRO A 272 26.53 10.60 8.45
N LEU A 273 27.05 10.92 7.27
CA LEU A 273 27.32 9.93 6.24
C LEU A 273 28.81 9.87 5.96
N PRO A 274 29.35 8.70 5.59
CA PRO A 274 28.64 7.44 5.36
C PRO A 274 28.41 6.68 6.67
N PHE A 275 27.52 5.69 6.65
CA PHE A 275 27.39 4.84 7.82
C PHE A 275 28.65 4.00 7.98
N PRO A 276 29.04 3.67 9.22
CA PRO A 276 30.14 2.72 9.40
C PRO A 276 29.72 1.35 8.87
N ARG A 277 30.73 0.56 8.52
CA ARG A 277 30.50 -0.77 7.97
C ARG A 277 31.41 -1.76 8.67
N LEU A 278 30.86 -2.93 8.96
CA LEU A 278 31.64 -4.04 9.51
C LEU A 278 31.28 -5.30 8.73
N SER A 279 32.30 -6.10 8.42
CA SER A 279 32.02 -7.44 7.95
C SER A 279 31.35 -8.24 9.07
N TYR A 280 30.62 -9.28 8.66
CA TYR A 280 30.06 -10.20 9.65
C TYR A 280 31.11 -10.70 10.60
N GLU A 281 32.30 -11.02 10.08
CA GLU A 281 33.38 -11.52 10.91
C GLU A 281 33.86 -10.46 11.92
N GLU A 282 34.05 -9.22 11.45
CA GLU A 282 34.46 -8.16 12.37
C GLU A 282 33.40 -7.90 13.44
N ALA A 283 32.13 -7.93 13.05
CA ALA A 283 31.04 -7.70 14.01
C ALA A 283 31.03 -8.77 15.10
N MET A 284 31.13 -10.04 14.70
CA MET A 284 31.16 -11.10 15.69
C MET A 284 32.37 -10.97 16.62
N GLU A 285 33.55 -10.65 16.05
CA GLU A 285 34.76 -10.57 16.87
C GLU A 285 34.71 -9.41 17.85
N ARG A 286 34.26 -8.24 17.41
CA ARG A 286 34.35 -7.05 18.23
C ARG A 286 33.13 -6.82 19.11
N TYR A 287 31.96 -7.36 18.73
CA TYR A 287 30.75 -7.16 19.52
C TYR A 287 30.02 -8.43 19.89
N GLY A 288 30.36 -9.57 19.30
CA GLY A 288 29.65 -10.79 19.57
C GLY A 288 28.22 -10.84 19.05
N SER A 289 27.93 -10.07 18.01
CA SER A 289 26.59 -10.04 17.44
C SER A 289 26.67 -9.57 16.00
N ASP A 290 25.79 -10.11 15.15
CA ASP A 290 25.64 -9.57 13.81
C ASP A 290 24.69 -8.36 13.76
N LYS A 291 24.24 -7.86 14.91
CA LYS A 291 23.51 -6.60 14.98
C LYS A 291 24.08 -5.78 16.13
N PRO A 292 25.27 -5.20 15.94
CA PRO A 292 25.95 -4.49 17.04
C PRO A 292 25.22 -3.23 17.45
N ASP A 293 25.22 -2.96 18.75
CA ASP A 293 24.74 -1.70 19.33
C ASP A 293 25.94 -0.78 19.49
N LEU A 294 26.05 0.22 18.63
CA LEU A 294 27.20 1.12 18.64
C LEU A 294 27.00 2.34 19.56
N ARG A 295 25.94 2.35 20.38
CA ARG A 295 25.72 3.49 21.26
C ARG A 295 26.68 3.52 22.43
N PHE A 296 27.49 2.48 22.61
CA PHE A 296 28.50 2.47 23.66
C PHE A 296 29.67 1.62 23.17
N GLY A 297 30.77 1.67 23.91
CA GLY A 297 31.98 0.97 23.48
C GLY A 297 32.09 -0.43 24.02
N LEU A 298 33.09 -0.69 24.85
CA LEU A 298 33.25 -1.97 25.54
C LEU A 298 33.38 -3.12 24.55
N GLU A 299 34.33 -3.00 23.63
CA GLU A 299 34.48 -4.02 22.60
C GLU A 299 35.11 -5.29 23.18
N LEU A 300 34.82 -6.41 22.56
CA LEU A 300 35.46 -7.67 22.94
C LEU A 300 36.85 -7.75 22.34
N LYS A 301 37.75 -8.41 23.05
CA LYS A 301 39.13 -8.56 22.62
C LYS A 301 39.50 -10.03 22.69
N GLU A 302 40.12 -10.54 21.62
CA GLU A 302 40.59 -11.93 21.62
C GLU A 302 41.93 -12.00 22.34
N VAL A 303 41.97 -12.77 23.44
CA VAL A 303 43.19 -12.89 24.23
C VAL A 303 43.68 -14.33 24.29
N GLY A 304 43.05 -15.24 23.54
CA GLY A 304 43.45 -16.62 23.49
C GLY A 304 44.95 -16.84 23.37
N PRO A 305 45.58 -16.21 22.36
CA PRO A 305 47.02 -16.42 22.17
C PRO A 305 47.92 -15.80 23.24
N LEU A 306 47.34 -15.29 24.33
CA LEU A 306 48.14 -14.84 25.46
C LEU A 306 48.37 -15.92 26.50
N PHE A 307 47.49 -16.94 26.54
CA PHE A 307 47.52 -17.95 27.58
C PHE A 307 47.99 -19.30 27.06
N ARG A 308 48.55 -19.35 25.84
CA ARG A 308 48.99 -20.63 25.29
C ARG A 308 50.07 -21.29 26.13
N GLN A 309 50.76 -20.54 26.99
CA GLN A 309 51.73 -21.10 27.92
C GLN A 309 51.30 -20.96 29.37
N SER A 310 50.15 -20.36 29.64
CA SER A 310 49.70 -20.19 31.01
C SER A 310 49.26 -21.52 31.62
N GLY A 311 49.51 -21.68 32.92
CA GLY A 311 49.10 -22.88 33.61
C GLY A 311 47.60 -23.09 33.67
N PHE A 312 46.83 -22.00 33.55
CA PHE A 312 45.37 -22.08 33.61
C PHE A 312 44.84 -22.88 32.43
N ARG A 313 44.45 -24.13 32.70
CA ARG A 313 44.16 -25.07 31.62
C ARG A 313 42.99 -24.59 30.74
N VAL A 314 41.92 -24.11 31.36
CA VAL A 314 40.72 -23.80 30.58
C VAL A 314 40.96 -22.64 29.63
N PHE A 315 41.85 -21.72 29.97
CA PHE A 315 42.25 -20.68 29.02
C PHE A 315 43.19 -21.26 27.97
N GLN A 316 44.18 -22.04 28.40
CA GLN A 316 45.25 -22.48 27.51
C GLN A 316 44.72 -23.41 26.41
N GLU A 317 43.70 -24.21 26.72
CA GLU A 317 43.18 -25.18 25.77
C GLU A 317 42.05 -24.64 24.90
N ALA A 318 41.47 -23.50 25.25
CA ALA A 318 40.33 -22.99 24.51
C ALA A 318 40.71 -22.58 23.10
N GLU A 319 39.81 -22.84 22.15
CA GLU A 319 39.96 -22.29 20.81
C GLU A 319 39.98 -20.77 20.82
N SER A 320 39.20 -20.15 21.72
CA SER A 320 39.14 -18.71 21.83
C SER A 320 39.00 -18.31 23.29
N VAL A 321 39.60 -17.17 23.66
CA VAL A 321 39.32 -16.51 24.93
C VAL A 321 39.00 -15.06 24.62
N LYS A 322 37.77 -14.65 24.90
CA LYS A 322 37.35 -13.28 24.72
C LYS A 322 37.40 -12.55 26.05
N ALA A 323 37.83 -11.29 26.02
CA ALA A 323 37.94 -10.46 27.21
C ALA A 323 37.15 -9.18 27.04
N LEU A 324 36.63 -8.67 28.15
CA LEU A 324 35.88 -7.43 28.20
C LEU A 324 36.28 -6.67 29.45
N ALA A 325 36.50 -5.36 29.30
CA ALA A 325 36.93 -4.49 30.39
C ALA A 325 35.79 -3.53 30.71
N LEU A 326 35.20 -3.69 31.90
CA LEU A 326 34.13 -2.79 32.34
C LEU A 326 34.70 -1.69 33.20
N PRO A 327 34.36 -0.40 32.94
CA PRO A 327 34.91 0.72 33.72
C PRO A 327 34.19 0.91 35.06
N LYS A 328 34.24 -0.13 35.90
CA LYS A 328 33.62 -0.12 37.22
C LYS A 328 34.03 -1.39 37.95
N ALA A 329 34.24 -1.29 39.26
CA ALA A 329 34.49 -2.46 40.09
C ALA A 329 33.15 -3.07 40.46
N LEU A 330 32.82 -4.23 39.89
CA LEU A 330 31.50 -4.78 40.09
C LEU A 330 31.41 -5.54 41.41
N SER A 331 30.18 -5.69 41.90
CA SER A 331 29.92 -6.51 43.06
C SER A 331 30.00 -7.98 42.68
N ARG A 332 30.16 -8.83 43.70
CA ARG A 332 30.06 -10.27 43.46
C ARG A 332 28.67 -10.63 42.95
N LYS A 333 27.65 -9.86 43.37
CA LYS A 333 26.31 -10.06 42.83
C LYS A 333 26.29 -9.82 41.33
N GLU A 334 26.77 -8.64 40.90
CA GLU A 334 26.70 -8.28 39.48
C GLU A 334 27.47 -9.27 38.61
N VAL A 335 28.65 -9.71 39.07
CA VAL A 335 29.45 -10.65 38.30
C VAL A 335 28.66 -11.94 38.06
N ALA A 336 28.04 -12.47 39.12
CA ALA A 336 27.29 -13.70 38.99
C ALA A 336 26.07 -13.54 38.09
N GLU A 337 25.49 -12.34 38.04
CA GLU A 337 24.42 -12.10 37.08
C GLU A 337 24.95 -12.10 35.66
N LEU A 338 26.13 -11.51 35.44
CA LEU A 338 26.76 -11.57 34.13
C LEU A 338 27.15 -13.00 33.78
N GLU A 339 27.74 -13.73 34.75
CA GLU A 339 28.06 -15.13 34.53
C GLU A 339 26.82 -15.92 34.14
N GLU A 340 25.68 -15.60 34.73
CA GLU A 340 24.45 -16.29 34.41
C GLU A 340 23.99 -15.95 32.99
N VAL A 341 24.20 -14.71 32.55
CA VAL A 341 23.87 -14.36 31.17
C VAL A 341 24.81 -15.09 30.21
N ALA A 342 26.08 -15.26 30.61
CA ALA A 342 27.02 -15.97 29.76
C ALA A 342 26.61 -17.44 29.61
N LYS A 343 26.36 -18.12 30.74
CA LYS A 343 26.03 -19.54 30.69
C LYS A 343 24.71 -19.78 29.96
N ARG A 344 23.75 -18.84 30.07
CA ARG A 344 22.52 -19.00 29.30
C ARG A 344 22.74 -18.81 27.82
N HIS A 345 23.93 -18.36 27.40
CA HIS A 345 24.28 -18.27 25.99
C HIS A 345 25.32 -19.32 25.61
N LYS A 346 25.25 -20.49 26.23
CA LYS A 346 26.00 -21.71 25.93
C LYS A 346 27.45 -21.67 26.41
N ALA A 347 27.88 -20.61 27.07
CA ALA A 347 29.23 -20.59 27.62
C ALA A 347 29.36 -21.62 28.74
N GLN A 348 30.61 -22.04 28.98
CA GLN A 348 30.89 -22.88 30.14
C GLN A 348 30.97 -22.08 31.42
N GLY A 349 31.10 -20.77 31.33
CA GLY A 349 31.28 -19.94 32.51
C GLY A 349 31.87 -18.60 32.13
N LEU A 350 32.03 -17.76 33.14
CA LEU A 350 32.57 -16.41 32.98
C LEU A 350 33.63 -16.21 34.06
N ALA A 351 34.89 -16.16 33.64
CA ALA A 351 35.93 -15.80 34.59
C ALA A 351 35.98 -14.28 34.73
N TRP A 352 36.53 -13.83 35.85
CA TRP A 352 36.55 -12.40 36.14
C TRP A 352 37.80 -12.09 36.97
N ALA A 353 38.09 -10.80 37.08
CA ALA A 353 39.18 -10.28 37.90
C ALA A 353 39.10 -8.75 37.94
N ARG A 354 39.53 -8.18 39.06
CA ARG A 354 39.61 -6.73 39.19
C ARG A 354 41.01 -6.27 38.81
N VAL A 355 41.11 -5.03 38.34
CA VAL A 355 42.38 -4.43 37.94
C VAL A 355 42.77 -3.40 39.00
N GLU A 356 43.87 -3.66 39.71
CA GLU A 356 44.43 -2.76 40.69
C GLU A 356 45.58 -1.95 40.07
N GLU A 357 46.16 -1.05 40.88
CA GLU A 357 47.18 -0.15 40.35
C GLU A 357 48.46 -0.89 39.98
N GLY A 358 48.81 -1.94 40.73
CA GLY A 358 50.03 -2.68 40.46
C GLY A 358 49.82 -4.02 39.80
N GLY A 359 48.62 -4.59 39.95
CA GLY A 359 48.32 -5.88 39.37
C GLY A 359 46.83 -6.21 39.38
N PHE A 360 46.49 -7.47 39.62
CA PHE A 360 45.11 -7.94 39.62
C PHE A 360 44.74 -8.49 41.00
N SER A 361 43.44 -8.68 41.20
CA SER A 361 42.93 -9.25 42.45
C SER A 361 41.56 -9.85 42.19
N GLY A 362 41.35 -11.06 42.70
CA GLY A 362 40.04 -11.72 42.60
C GLY A 362 39.93 -12.62 41.39
N GLY A 363 39.04 -13.61 41.51
CA GLY A 363 38.72 -14.51 40.41
C GLY A 363 39.87 -15.33 39.85
N VAL A 364 40.34 -14.95 38.66
CA VAL A 364 41.42 -15.65 38.00
C VAL A 364 42.66 -14.77 37.97
N ALA A 365 42.79 -13.89 38.95
CA ALA A 365 43.87 -12.92 38.98
C ALA A 365 45.24 -13.60 38.98
N LYS A 366 45.35 -14.75 39.65
CA LYS A 366 46.65 -15.43 39.76
C LYS A 366 47.20 -15.78 38.39
N PHE A 367 46.36 -16.34 37.52
CA PHE A 367 46.80 -16.76 36.20
C PHE A 367 46.97 -15.60 35.22
N LEU A 368 46.60 -14.37 35.62
CA LEU A 368 46.73 -13.22 34.74
C LEU A 368 48.00 -12.41 34.96
N GLU A 369 48.64 -12.54 36.12
CA GLU A 369 49.86 -11.78 36.40
C GLU A 369 51.02 -12.06 35.44
N PRO A 370 51.29 -13.30 35.00
CA PRO A 370 52.40 -13.50 34.06
C PRO A 370 52.27 -12.71 32.77
N VAL A 371 51.05 -12.47 32.30
CA VAL A 371 50.83 -11.83 31.01
C VAL A 371 50.27 -10.42 31.19
N ARG A 372 50.57 -9.78 32.34
CA ARG A 372 49.93 -8.53 32.70
C ARG A 372 50.19 -7.44 31.67
N GLU A 373 51.45 -7.21 31.30
CA GLU A 373 51.78 -6.13 30.38
C GLU A 373 51.08 -6.33 29.04
N ALA A 374 51.01 -7.57 28.56
CA ALA A 374 50.35 -7.83 27.29
C ALA A 374 48.84 -7.77 27.42
N LEU A 375 48.31 -8.30 28.53
CA LEU A 375 46.87 -8.30 28.73
C LEU A 375 46.31 -6.88 28.82
N LEU A 376 47.08 -5.98 29.44
CA LEU A 376 46.63 -4.60 29.58
C LEU A 376 46.74 -3.82 28.28
N GLN A 377 47.76 -4.09 27.47
CA GLN A 377 47.88 -3.41 26.18
C GLN A 377 46.81 -3.88 25.20
N ALA A 378 46.34 -5.12 25.35
CA ALA A 378 45.30 -5.64 24.48
C ALA A 378 43.92 -5.12 24.89
N THR A 379 43.65 -5.07 26.19
CA THR A 379 42.36 -4.64 26.69
C THR A 379 42.28 -3.15 26.98
N GLU A 380 43.43 -2.44 27.02
CA GLU A 380 43.47 -1.02 27.33
C GLU A 380 42.79 -0.74 28.68
N ALA A 381 42.90 -1.70 29.60
CA ALA A 381 42.22 -1.63 30.88
C ALA A 381 43.07 -0.86 31.89
N ARG A 382 42.42 0.00 32.66
CA ARG A 382 43.04 0.87 33.64
C ARG A 382 42.70 0.41 35.05
N PRO A 383 43.45 0.86 36.07
CA PRO A 383 43.11 0.51 37.45
C PRO A 383 41.69 0.95 37.80
N GLY A 384 40.95 0.06 38.45
CA GLY A 384 39.54 0.26 38.75
C GLY A 384 38.59 -0.54 37.87
N ASP A 385 39.06 -1.04 36.73
CA ASP A 385 38.18 -1.79 35.84
C ASP A 385 37.93 -3.20 36.40
N THR A 386 37.06 -3.93 35.70
CA THR A 386 36.82 -5.34 35.98
C THR A 386 36.89 -6.11 34.67
N LEU A 387 37.79 -7.09 34.61
CA LEU A 387 37.99 -7.89 33.41
C LEU A 387 37.09 -9.12 33.43
N LEU A 388 36.34 -9.34 32.36
CA LEU A 388 35.49 -10.51 32.18
C LEU A 388 36.00 -11.34 31.01
N PHE A 389 36.06 -12.65 31.20
CA PHE A 389 36.59 -13.57 30.20
C PHE A 389 35.62 -14.71 29.96
N VAL A 390 35.44 -15.07 28.69
CA VAL A 390 34.73 -16.29 28.31
C VAL A 390 35.62 -17.11 27.39
N ALA A 391 35.89 -18.36 27.78
CA ALA A 391 36.70 -19.28 27.00
C ALA A 391 35.83 -20.39 26.40
N GLY A 392 36.08 -20.72 25.13
CA GLY A 392 35.39 -21.79 24.46
C GLY A 392 35.52 -21.72 22.95
N PRO A 393 34.66 -22.44 22.23
CA PRO A 393 34.61 -22.29 20.77
C PRO A 393 34.44 -20.83 20.38
N ARG A 394 34.96 -20.48 19.20
CA ARG A 394 35.06 -19.07 18.85
C ARG A 394 33.69 -18.42 18.74
N LYS A 395 32.74 -19.09 18.10
CA LYS A 395 31.41 -18.49 17.95
C LYS A 395 30.70 -18.38 19.30
N VAL A 396 30.83 -19.41 20.14
CA VAL A 396 30.16 -19.41 21.45
C VAL A 396 30.75 -18.34 22.35
N ALA A 397 32.08 -18.26 22.41
CA ALA A 397 32.74 -17.28 23.28
C ALA A 397 32.39 -15.85 22.86
N ALA A 398 32.34 -15.58 21.56
CA ALA A 398 31.99 -14.24 21.11
C ALA A 398 30.53 -13.93 21.42
N THR A 399 29.61 -14.82 21.06
CA THR A 399 28.20 -14.57 21.26
C THR A 399 27.87 -14.41 22.75
N ALA A 400 28.47 -15.25 23.59
CA ALA A 400 28.20 -15.16 25.01
C ALA A 400 28.69 -13.84 25.60
N LEU A 401 29.96 -13.49 25.33
CA LEU A 401 30.48 -12.27 25.93
C LEU A 401 29.82 -11.04 25.32
N GLY A 402 29.30 -11.17 24.10
CA GLY A 402 28.53 -10.08 23.51
C GLY A 402 27.22 -9.85 24.24
N ALA A 403 26.54 -10.93 24.64
CA ALA A 403 25.34 -10.78 25.46
C ALA A 403 25.68 -10.27 26.86
N VAL A 404 26.80 -10.73 27.42
CA VAL A 404 27.31 -10.15 28.65
C VAL A 404 27.53 -8.64 28.47
N ARG A 405 28.07 -8.26 27.31
CA ARG A 405 28.38 -6.86 27.05
C ARG A 405 27.13 -5.99 27.05
N LEU A 406 26.04 -6.47 26.45
CA LEU A 406 24.78 -5.73 26.43
C LEU A 406 24.20 -5.59 27.83
N ARG A 407 24.07 -6.71 28.55
CA ARG A 407 23.55 -6.65 29.92
C ARG A 407 24.45 -5.81 30.82
N ALA A 408 25.76 -5.84 30.59
CA ALA A 408 26.66 -5.01 31.39
C ALA A 408 26.37 -3.53 31.19
N ALA A 409 25.95 -3.13 29.98
CA ALA A 409 25.66 -1.73 29.73
C ALA A 409 24.56 -1.21 30.64
N ASP A 410 23.56 -2.04 30.93
CA ASP A 410 22.51 -1.65 31.85
C ASP A 410 23.03 -1.54 33.28
N LEU A 411 23.86 -2.50 33.71
CA LEU A 411 24.37 -2.50 35.08
C LEU A 411 25.17 -1.24 35.38
N LEU A 412 25.94 -0.78 34.41
CA LEU A 412 26.76 0.41 34.59
C LEU A 412 26.00 1.70 34.31
N GLY A 413 24.74 1.61 33.89
CA GLY A 413 23.94 2.80 33.63
C GLY A 413 24.47 3.68 32.53
N LEU A 414 25.04 3.08 31.48
CA LEU A 414 25.58 3.87 30.38
C LEU A 414 24.47 4.66 29.70
N LYS A 415 24.78 5.90 29.33
CA LYS A 415 23.83 6.74 28.59
C LYS A 415 23.86 6.29 27.14
N ARG A 416 22.77 5.66 26.69
CA ARG A 416 22.63 5.21 25.32
C ARG A 416 21.62 6.11 24.62
N GLU A 417 22.12 7.01 23.77
CA GLU A 417 21.31 8.05 23.16
C GLU A 417 21.56 8.07 21.66
N GLY A 418 20.63 8.71 20.94
CA GLY A 418 20.79 8.95 19.53
C GLY A 418 20.50 7.74 18.67
N PHE A 419 20.83 7.88 17.39
CA PHE A 419 20.60 6.85 16.39
C PHE A 419 21.94 6.47 15.76
N ARG A 420 22.39 5.24 16.01
CA ARG A 420 23.66 4.71 15.50
C ARG A 420 23.37 3.60 14.50
N PHE A 421 23.41 3.95 13.20
CA PHE A 421 23.26 2.99 12.10
C PHE A 421 24.59 2.35 11.75
N LEU A 422 24.54 1.13 11.22
CA LEU A 422 25.72 0.57 10.59
C LEU A 422 25.29 -0.51 9.60
N TRP A 423 26.18 -0.75 8.63
CA TRP A 423 26.02 -1.86 7.70
C TRP A 423 26.83 -3.03 8.21
N VAL A 424 26.23 -4.21 8.22
CA VAL A 424 26.96 -5.46 8.39
C VAL A 424 27.00 -6.14 7.03
N VAL A 425 28.20 -6.46 6.55
CA VAL A 425 28.41 -6.93 5.19
C VAL A 425 29.19 -8.24 5.20
N ASP A 426 29.31 -8.85 4.01
CA ASP A 426 30.10 -10.06 3.81
C ASP A 426 29.63 -11.21 4.70
N PHE A 427 28.31 -11.36 4.84
CA PHE A 427 27.78 -12.54 5.49
C PHE A 427 28.22 -13.80 4.75
N PRO A 428 28.33 -14.93 5.44
CA PRO A 428 28.52 -16.19 4.74
C PRO A 428 27.31 -16.51 3.89
N LEU A 429 27.55 -17.14 2.74
CA LEU A 429 26.43 -17.55 1.89
C LEU A 429 25.64 -18.68 2.53
N LEU A 430 26.30 -19.59 3.25
CA LEU A 430 25.66 -20.83 3.71
C LEU A 430 25.85 -21.09 5.20
N GLU A 431 25.46 -22.29 5.64
CA GLU A 431 25.69 -22.80 6.99
C GLU A 431 25.30 -24.27 7.03
N TRP A 432 26.06 -25.07 7.78
CA TRP A 432 25.85 -26.51 7.84
C TRP A 432 24.52 -26.88 8.50
N ALA A 438 23.88 -31.19 6.11
CA ALA A 438 24.09 -30.61 4.79
C ALA A 438 24.23 -29.08 4.87
N TRP A 439 24.18 -28.42 3.71
CA TRP A 439 24.33 -26.98 3.62
C TRP A 439 22.99 -26.29 3.39
N THR A 440 22.87 -25.07 3.91
CA THR A 440 21.63 -24.30 3.74
C THR A 440 21.96 -22.81 3.68
N TYR A 441 21.15 -22.07 2.92
CA TYR A 441 21.31 -20.63 2.79
C TYR A 441 20.75 -19.90 4.01
N MET A 442 21.04 -18.61 4.08
CA MET A 442 20.62 -17.80 5.23
C MET A 442 19.23 -17.21 5.03
N HIS A 443 19.04 -16.42 3.98
CA HIS A 443 17.73 -15.80 3.74
C HIS A 443 16.97 -16.51 2.62
N HIS A 444 17.34 -16.28 1.37
CA HIS A 444 16.73 -16.95 0.23
C HIS A 444 17.82 -17.33 -0.75
N PRO A 445 17.58 -18.31 -1.61
CA PRO A 445 18.66 -18.89 -2.42
C PRO A 445 19.05 -18.08 -3.65
N PHE A 446 18.55 -16.86 -3.79
CA PHE A 446 18.87 -16.04 -4.96
C PHE A 446 19.99 -15.06 -4.67
N THR A 447 20.59 -15.13 -3.49
CA THR A 447 21.68 -14.23 -3.13
C THR A 447 22.97 -14.65 -3.85
N SER A 448 23.62 -13.68 -4.47
CA SER A 448 24.81 -13.97 -5.24
C SER A 448 26.01 -14.28 -4.34
N PRO A 449 26.81 -15.28 -4.68
CA PRO A 449 28.12 -15.43 -4.04
C PRO A 449 29.04 -14.27 -4.40
N HIS A 450 30.03 -14.06 -3.56
CA HIS A 450 31.07 -13.10 -3.87
C HIS A 450 31.78 -13.54 -5.15
N PRO A 451 31.95 -12.67 -6.14
CA PRO A 451 32.63 -13.10 -7.37
C PRO A 451 34.00 -13.72 -7.15
N GLU A 452 34.81 -13.16 -6.25
CA GLU A 452 36.15 -13.71 -6.06
C GLU A 452 36.15 -15.01 -5.27
N ASP A 453 35.02 -15.38 -4.66
CA ASP A 453 34.90 -16.64 -3.92
C ASP A 453 34.24 -17.76 -4.73
N LEU A 454 33.88 -17.51 -5.99
CA LEU A 454 33.17 -18.52 -6.78
C LEU A 454 33.85 -19.88 -6.82
N PRO A 455 35.16 -20.00 -7.07
CA PRO A 455 35.76 -21.35 -7.09
C PRO A 455 35.64 -22.09 -5.77
N LEU A 456 35.47 -21.39 -4.65
CA LEU A 456 35.33 -22.06 -3.36
C LEU A 456 33.96 -22.66 -3.15
N LEU A 457 33.01 -22.39 -4.06
CA LEU A 457 31.64 -22.89 -3.93
C LEU A 457 31.61 -24.39 -3.70
N GLU A 458 32.35 -25.13 -4.52
CA GLU A 458 32.40 -26.59 -4.40
C GLU A 458 33.51 -27.08 -3.48
N LYS A 459 34.64 -26.37 -3.41
CA LYS A 459 35.76 -26.81 -2.60
C LYS A 459 35.52 -26.54 -1.11
N ASP A 460 35.29 -25.28 -0.75
CA ASP A 460 35.17 -24.85 0.64
C ASP A 460 33.93 -23.98 0.79
N PRO A 461 32.74 -24.59 0.78
CA PRO A 461 31.50 -23.80 0.76
C PRO A 461 31.30 -22.94 2.00
N GLY A 462 31.72 -23.39 3.18
CA GLY A 462 31.53 -22.62 4.40
C GLY A 462 32.31 -21.31 4.45
N ARG A 463 33.25 -21.10 3.54
CA ARG A 463 34.03 -19.88 3.50
C ARG A 463 33.61 -18.95 2.38
N VAL A 464 32.61 -19.31 1.59
CA VAL A 464 32.16 -18.44 0.52
C VAL A 464 31.38 -17.26 1.11
N ARG A 465 31.77 -16.05 0.74
CA ARG A 465 31.02 -14.87 1.14
C ARG A 465 29.84 -14.63 0.20
N ALA A 466 28.81 -14.01 0.74
CA ALA A 466 27.68 -13.56 -0.06
C ALA A 466 27.78 -12.06 -0.30
N LEU A 467 27.13 -11.60 -1.36
CA LEU A 467 26.97 -10.16 -1.60
C LEU A 467 25.69 -9.66 -0.90
N ALA A 468 25.65 -9.89 0.41
CA ALA A 468 24.50 -9.61 1.24
C ALA A 468 24.87 -8.64 2.36
N TYR A 469 23.87 -7.95 2.88
CA TYR A 469 24.10 -6.85 3.81
C TYR A 469 22.87 -6.66 4.69
N ASP A 470 23.11 -6.35 5.97
CA ASP A 470 22.06 -5.99 6.91
C ASP A 470 22.23 -4.53 7.34
N LEU A 471 21.12 -3.82 7.47
CA LEU A 471 21.15 -2.49 8.04
C LEU A 471 20.72 -2.60 9.50
N VAL A 472 21.58 -2.13 10.41
CA VAL A 472 21.37 -2.24 11.85
C VAL A 472 21.25 -0.83 12.41
N LEU A 473 20.35 -0.66 13.39
CA LEU A 473 20.19 0.62 14.09
C LEU A 473 20.05 0.32 15.58
N ASN A 474 20.99 0.83 16.39
CA ASN A 474 20.97 0.64 17.85
C ASN A 474 20.76 -0.83 18.23
N GLY A 475 21.52 -1.72 17.60
CA GLY A 475 21.45 -3.12 17.97
C GLY A 475 20.25 -3.88 17.42
N VAL A 476 19.54 -3.31 16.45
CA VAL A 476 18.31 -3.91 15.91
C VAL A 476 18.44 -4.01 14.40
N GLU A 477 18.08 -5.16 13.84
CA GLU A 477 18.10 -5.33 12.39
C GLU A 477 16.88 -4.64 11.80
N VAL A 478 17.09 -3.54 11.08
CA VAL A 478 16.01 -2.79 10.45
C VAL A 478 15.97 -2.95 8.94
N GLY A 479 16.87 -3.74 8.37
CA GLY A 479 16.85 -3.91 6.93
C GLY A 479 17.79 -5.00 6.48
N GLY A 480 17.50 -5.62 5.34
CA GLY A 480 18.30 -6.71 4.82
C GLY A 480 18.10 -6.91 3.33
N GLY A 481 19.17 -7.25 2.63
CA GLY A 481 19.06 -7.51 1.20
C GLY A 481 20.35 -8.08 0.66
N SER A 482 20.42 -8.13 -0.67
CA SER A 482 21.59 -8.69 -1.34
C SER A 482 21.56 -8.34 -2.82
N ILE A 483 22.72 -8.49 -3.46
CA ILE A 483 22.83 -8.58 -4.90
C ILE A 483 22.38 -9.97 -5.33
N ARG A 484 21.59 -10.06 -6.39
CA ARG A 484 20.98 -11.33 -6.76
C ARG A 484 21.79 -12.04 -7.83
N ILE A 485 21.53 -13.35 -7.97
CA ILE A 485 22.07 -14.11 -9.09
C ILE A 485 21.23 -13.80 -10.33
N HIS A 486 21.90 -13.38 -11.40
CA HIS A 486 21.20 -13.17 -12.66
C HIS A 486 21.58 -14.18 -13.72
N ASP A 487 22.61 -15.00 -13.47
CA ASP A 487 23.02 -16.06 -14.39
C ASP A 487 22.30 -17.34 -14.02
N PRO A 488 21.40 -17.86 -14.86
CA PRO A 488 20.74 -19.14 -14.52
C PRO A 488 21.71 -20.31 -14.39
N ARG A 489 22.86 -20.27 -15.06
CA ARG A 489 23.84 -21.34 -14.88
C ARG A 489 24.48 -21.27 -13.50
N LEU A 490 24.71 -20.06 -12.99
CA LEU A 490 25.22 -19.93 -11.63
C LEU A 490 24.15 -20.31 -10.61
N GLN A 491 22.89 -19.97 -10.88
CA GLN A 491 21.81 -20.32 -9.95
C GLN A 491 21.64 -21.84 -9.87
N ALA A 492 21.70 -22.53 -11.01
CA ALA A 492 21.66 -23.99 -10.99
C ALA A 492 22.87 -24.53 -10.23
N ARG A 493 24.02 -23.89 -10.38
CA ARG A 493 25.23 -24.32 -9.69
C ARG A 493 25.09 -24.18 -8.17
N VAL A 494 24.43 -23.10 -7.72
CA VAL A 494 24.18 -22.95 -6.29
C VAL A 494 23.17 -23.99 -5.83
N PHE A 495 22.19 -24.33 -6.66
CA PHE A 495 21.22 -25.35 -6.29
C PHE A 495 21.87 -26.72 -6.21
N ARG A 496 22.76 -27.06 -7.15
CA ARG A 496 23.49 -28.33 -7.07
C ARG A 496 24.31 -28.42 -5.80
N LEU A 497 24.90 -27.30 -5.37
CA LEU A 497 25.65 -27.30 -4.12
C LEU A 497 24.74 -27.55 -2.92
N LEU A 498 23.49 -27.06 -2.97
CA LEU A 498 22.53 -27.26 -1.89
C LEU A 498 21.83 -28.60 -1.95
N GLY A 499 22.01 -29.37 -3.02
CA GLY A 499 21.32 -30.63 -3.17
C GLY A 499 19.86 -30.51 -3.58
N ILE A 500 19.46 -29.38 -4.15
CA ILE A 500 18.06 -29.12 -4.49
C ILE A 500 17.85 -29.52 -5.95
N GLY A 501 17.03 -30.56 -6.16
CA GLY A 501 16.92 -31.16 -7.46
C GLY A 501 16.06 -30.37 -8.43
N GLU A 502 16.00 -30.87 -9.67
CA GLU A 502 15.25 -30.20 -10.72
C GLU A 502 13.77 -30.13 -10.38
N GLU A 503 13.19 -31.26 -9.96
CA GLU A 503 11.76 -31.31 -9.68
C GLU A 503 11.39 -30.38 -8.53
N GLU A 504 12.29 -30.23 -7.55
CA GLU A 504 12.02 -29.34 -6.43
C GLU A 504 12.16 -27.88 -6.83
N GLN A 505 13.13 -27.58 -7.70
CA GLN A 505 13.28 -26.21 -8.21
C GLN A 505 12.04 -25.78 -8.97
N ARG A 506 11.57 -26.62 -9.90
CA ARG A 506 10.39 -26.27 -10.70
C ARG A 506 9.15 -26.14 -9.84
N GLU A 507 9.03 -26.95 -8.78
CA GLU A 507 7.86 -26.88 -7.92
C GLU A 507 7.84 -25.59 -7.10
N LYS A 508 9.01 -25.14 -6.65
CA LYS A 508 9.12 -23.95 -5.80
C LYS A 508 9.40 -22.67 -6.56
N PHE A 509 10.21 -22.73 -7.62
CA PHE A 509 10.69 -21.53 -8.29
C PHE A 509 10.58 -21.59 -9.81
N GLY A 510 9.95 -22.63 -10.36
CA GLY A 510 9.90 -22.86 -11.79
C GLY A 510 9.70 -21.63 -12.64
N PHE A 511 8.66 -20.83 -12.32
CA PHE A 511 8.34 -19.69 -13.16
C PHE A 511 9.43 -18.62 -13.09
N PHE A 512 10.11 -18.51 -11.95
CA PHE A 512 11.18 -17.52 -11.88
C PHE A 512 12.46 -18.01 -12.53
N LEU A 513 12.82 -19.28 -12.33
CA LEU A 513 14.00 -19.81 -12.99
C LEU A 513 13.87 -19.73 -14.50
N GLU A 514 12.66 -19.91 -15.03
CA GLU A 514 12.44 -19.73 -16.46
C GLU A 514 12.61 -18.27 -16.85
N ALA A 515 12.28 -17.34 -15.96
CA ALA A 515 12.44 -15.93 -16.27
C ALA A 515 13.90 -15.58 -16.50
N LEU A 516 14.81 -16.19 -15.72
CA LEU A 516 16.23 -15.88 -15.85
C LEU A 516 16.79 -16.29 -17.20
N GLU A 517 16.10 -17.16 -17.94
CA GLU A 517 16.58 -17.60 -19.25
C GLU A 517 16.32 -16.57 -20.33
N TYR A 518 15.61 -15.49 -20.03
CA TYR A 518 15.25 -14.48 -21.01
C TYR A 518 16.04 -13.19 -20.83
N GLY A 519 17.18 -13.25 -20.15
CA GLY A 519 18.05 -12.10 -20.05
C GLY A 519 17.75 -11.27 -18.82
N ALA A 520 18.23 -11.70 -17.67
CA ALA A 520 18.07 -10.89 -16.47
C ALA A 520 19.30 -10.00 -16.31
N PRO A 521 19.10 -8.72 -16.00
CA PRO A 521 20.25 -7.83 -15.75
C PRO A 521 20.85 -8.15 -14.40
N PRO A 522 22.10 -7.75 -14.17
CA PRO A 522 22.58 -7.70 -12.78
C PRO A 522 21.62 -6.85 -11.98
N HIS A 523 21.30 -7.28 -10.76
CA HIS A 523 20.39 -6.49 -9.95
C HIS A 523 20.53 -6.87 -8.48
N GLY A 524 20.01 -6.01 -7.62
CA GLY A 524 20.05 -6.23 -6.19
C GLY A 524 19.14 -5.23 -5.50
N GLY A 525 18.95 -5.43 -4.20
CA GLY A 525 18.06 -4.56 -3.46
C GLY A 525 18.07 -4.82 -1.98
N ILE A 526 17.00 -4.39 -1.32
CA ILE A 526 16.91 -4.44 0.14
C ILE A 526 15.45 -4.30 0.51
N ALA A 527 15.11 -4.66 1.75
CA ALA A 527 13.85 -4.26 2.36
C ALA A 527 14.12 -3.80 3.78
N TRP A 528 13.53 -2.66 4.15
CA TRP A 528 13.50 -2.20 5.54
C TRP A 528 12.30 -2.79 6.26
N GLY A 529 12.46 -3.01 7.56
CA GLY A 529 11.31 -3.22 8.41
C GLY A 529 10.76 -1.87 8.84
N LEU A 530 9.72 -1.39 8.17
CA LEU A 530 9.24 -0.04 8.42
C LEU A 530 8.69 0.11 9.83
N ASP A 531 7.93 -0.89 10.31
CA ASP A 531 7.40 -0.82 11.67
C ASP A 531 8.53 -0.80 12.69
N ARG A 532 9.56 -1.65 12.50
CA ARG A 532 10.69 -1.64 13.42
C ARG A 532 11.41 -0.29 13.41
N LEU A 533 11.58 0.30 12.23
CA LEU A 533 12.23 1.60 12.15
C LEU A 533 11.44 2.67 12.91
N LEU A 534 10.13 2.74 12.68
CA LEU A 534 9.31 3.76 13.33
C LEU A 534 9.29 3.57 14.84
N ALA A 535 9.23 2.33 15.32
CA ALA A 535 9.27 2.09 16.75
C ALA A 535 10.58 2.58 17.36
N LEU A 536 11.69 2.34 16.66
CA LEU A 536 12.97 2.86 17.12
C LEU A 536 13.00 4.39 17.04
N MET A 537 12.45 4.96 15.96
CA MET A 537 12.43 6.42 15.83
C MET A 537 11.62 7.07 16.95
N THR A 538 10.64 6.36 17.52
CA THR A 538 9.77 6.93 18.53
C THR A 538 10.10 6.46 19.94
N GLY A 539 11.14 5.65 20.11
CA GLY A 539 11.42 5.07 21.41
C GLY A 539 10.31 4.18 21.93
N SER A 540 9.54 3.54 21.03
CA SER A 540 8.45 2.67 21.46
C SER A 540 8.98 1.29 21.83
N PRO A 541 8.41 0.64 22.84
CA PRO A 541 8.87 -0.71 23.20
C PRO A 541 8.36 -1.81 22.30
N SER A 542 7.43 -1.51 21.39
CA SER A 542 6.82 -2.53 20.55
C SER A 542 6.34 -1.88 19.25
N ILE A 543 6.40 -2.64 18.16
CA ILE A 543 5.88 -2.11 16.89
C ILE A 543 4.38 -1.92 16.93
N ARG A 544 3.70 -2.47 17.94
CA ARG A 544 2.26 -2.24 18.10
C ARG A 544 1.95 -0.76 18.33
N GLU A 545 2.93 0.03 18.77
CA GLU A 545 2.73 1.45 19.04
C GLU A 545 2.81 2.31 17.79
N VAL A 546 3.31 1.78 16.67
CA VAL A 546 3.38 2.53 15.43
C VAL A 546 2.50 1.92 14.33
N ILE A 547 1.62 1.00 14.70
CA ILE A 547 0.61 0.43 13.80
C ILE A 547 -0.75 0.89 14.30
N ALA A 548 -1.60 1.35 13.37
CA ALA A 548 -2.90 1.90 13.78
C ALA A 548 -3.76 0.86 14.48
N PHE A 549 -4.00 -0.29 13.84
CA PHE A 549 -4.85 -1.33 14.39
C PHE A 549 -4.09 -2.64 14.36
N PRO A 550 -3.18 -2.86 15.30
CA PRO A 550 -2.37 -4.07 15.30
C PRO A 550 -3.11 -5.21 16.00
N LYS A 551 -2.53 -6.41 15.89
CA LYS A 551 -2.95 -7.53 16.71
C LYS A 551 -2.27 -7.43 18.08
N ASN A 552 -2.80 -8.17 19.05
CA ASN A 552 -2.11 -8.28 20.32
C ASN A 552 -0.95 -9.27 20.19
N LYS A 553 -0.23 -9.51 21.29
CA LYS A 553 0.96 -10.36 21.24
C LYS A 553 0.63 -11.80 20.84
N GLU A 554 -0.63 -12.21 20.94
CA GLU A 554 -1.04 -13.57 20.63
C GLU A 554 -1.55 -13.72 19.20
N GLY A 555 -1.66 -12.63 18.45
CA GLY A 555 -2.10 -12.68 17.07
C GLY A 555 -3.58 -12.46 16.85
N LYS A 556 -4.34 -12.16 17.90
CA LYS A 556 -5.77 -11.91 17.79
C LYS A 556 -6.05 -10.41 17.82
N ASP A 557 -7.27 -10.05 17.46
CA ASP A 557 -7.67 -8.64 17.39
C ASP A 557 -8.79 -8.38 18.38
N PRO A 558 -8.48 -7.78 19.55
CA PRO A 558 -9.53 -7.54 20.55
C PRO A 558 -10.55 -6.51 20.11
N LEU A 559 -10.22 -5.64 19.15
CA LEU A 559 -11.15 -4.61 18.71
C LEU A 559 -12.34 -5.23 17.96
N THR A 560 -12.06 -5.99 16.92
CA THR A 560 -13.13 -6.56 16.09
C THR A 560 -13.51 -7.97 16.52
N GLY A 561 -12.64 -8.69 17.22
CA GLY A 561 -12.91 -10.06 17.60
C GLY A 561 -12.33 -11.09 16.66
N ALA A 562 -11.70 -10.68 15.56
CA ALA A 562 -11.08 -11.62 14.65
C ALA A 562 -9.86 -12.28 15.32
N PRO A 563 -9.56 -13.55 14.99
CA PRO A 563 -10.32 -14.41 14.08
C PRO A 563 -11.56 -14.98 14.75
N SER A 564 -12.65 -15.11 14.00
CA SER A 564 -13.95 -15.51 14.50
C SER A 564 -14.51 -16.61 13.62
N PRO A 565 -15.48 -17.39 14.12
CA PRO A 565 -16.13 -18.39 13.27
C PRO A 565 -16.96 -17.73 12.19
N VAL A 566 -17.31 -18.54 11.19
CA VAL A 566 -18.23 -18.11 10.14
C VAL A 566 -19.42 -19.05 10.14
N PRO A 567 -20.61 -18.63 9.70
CA PRO A 567 -21.72 -19.57 9.58
C PRO A 567 -21.34 -20.70 8.63
N GLU A 568 -21.80 -21.91 8.94
CA GLU A 568 -21.33 -23.06 8.18
C GLU A 568 -21.77 -23.01 6.73
N GLU A 569 -22.81 -22.24 6.41
CA GLU A 569 -23.19 -22.07 5.01
C GLU A 569 -22.15 -21.25 4.25
N GLN A 570 -21.55 -20.25 4.90
CA GLN A 570 -20.46 -19.50 4.27
C GLN A 570 -19.25 -20.40 4.02
N LEU A 571 -19.00 -21.37 4.89
CA LEU A 571 -17.87 -22.28 4.70
C LEU A 571 -18.22 -23.42 3.75
N ARG A 572 -19.45 -23.94 3.83
CA ARG A 572 -19.85 -24.97 2.88
C ARG A 572 -19.81 -24.46 1.44
N GLU A 573 -20.10 -23.17 1.24
CA GLU A 573 -20.03 -22.60 -0.09
C GLU A 573 -18.61 -22.68 -0.66
N LEU A 574 -17.60 -22.70 0.20
CA LEU A 574 -16.22 -22.86 -0.21
C LEU A 574 -15.81 -24.32 -0.37
N GLY A 575 -16.69 -25.26 -0.01
CA GLY A 575 -16.38 -26.67 -0.18
C GLY A 575 -15.39 -27.22 0.83
N LEU A 576 -15.26 -26.57 1.97
CA LEU A 576 -14.37 -27.02 3.04
C LEU A 576 -15.19 -27.28 4.29
N MET A 577 -14.62 -28.05 5.21
CA MET A 577 -15.26 -28.28 6.50
C MET A 577 -14.19 -28.46 7.57
N VAL A 578 -14.59 -28.18 8.81
CA VAL A 578 -13.71 -28.37 9.96
C VAL A 578 -13.68 -29.86 10.31
N VAL A 579 -12.48 -30.41 10.47
CA VAL A 579 -12.32 -31.85 10.69
C VAL A 579 -12.68 -32.24 12.12
N GLY B 1 30.59 5.13 -8.19
CA GLY B 1 29.19 5.09 -8.57
C GLY B 1 28.85 4.04 -9.62
N MET B 2 27.80 4.31 -10.39
CA MET B 2 27.41 3.38 -11.44
C MET B 2 28.42 3.42 -12.59
N ARG B 3 28.60 2.25 -13.24
CA ARG B 3 29.29 2.23 -14.53
C ARG B 3 28.55 3.11 -15.54
N ARG B 4 27.22 2.99 -15.58
CA ARG B 4 26.40 3.65 -16.59
C ARG B 4 26.54 5.17 -16.50
N THR B 5 26.78 5.81 -17.65
CA THR B 5 26.84 7.26 -17.70
C THR B 5 25.51 7.89 -18.08
N HIS B 6 24.71 7.20 -18.88
CA HIS B 6 23.41 7.71 -19.32
C HIS B 6 22.45 6.55 -19.53
N TYR B 7 21.16 6.86 -19.44
CA TYR B 7 20.16 5.96 -19.98
C TYR B 7 20.28 5.91 -21.50
N ALA B 8 20.20 4.71 -22.07
CA ALA B 8 20.42 4.52 -23.50
C ALA B 8 19.49 5.41 -24.32
N GLY B 9 18.21 5.44 -23.97
CA GLY B 9 17.26 6.22 -24.74
C GLY B 9 17.35 7.72 -24.58
N SER B 10 18.24 8.22 -23.71
CA SER B 10 18.29 9.65 -23.44
C SER B 10 19.34 10.39 -24.25
N LEU B 11 20.11 9.69 -25.10
CA LEU B 11 21.18 10.35 -25.83
C LEU B 11 20.61 11.23 -26.94
N ARG B 12 21.24 12.39 -27.14
CA ARG B 12 20.82 13.38 -28.13
C ARG B 12 22.06 13.87 -28.90
N GLU B 13 21.83 14.77 -29.85
CA GLU B 13 22.94 15.36 -30.59
C GLU B 13 23.86 16.19 -29.71
N THR B 14 23.35 16.69 -28.58
CA THR B 14 24.20 17.43 -27.65
C THR B 14 25.30 16.58 -27.04
N HIS B 15 25.18 15.24 -27.08
CA HIS B 15 26.20 14.36 -26.53
C HIS B 15 27.24 13.94 -27.56
N VAL B 16 27.18 14.46 -28.79
CA VAL B 16 28.11 14.03 -29.82
C VAL B 16 29.52 14.35 -29.39
N GLY B 17 30.41 13.35 -29.49
CA GLY B 17 31.79 13.50 -29.08
C GLY B 17 32.09 12.97 -27.68
N GLU B 18 31.06 12.75 -26.86
CA GLU B 18 31.28 12.21 -25.52
C GLU B 18 31.52 10.71 -25.56
N GLU B 19 32.26 10.22 -24.58
CA GLU B 19 32.42 8.79 -24.35
C GLU B 19 31.42 8.36 -23.29
N VAL B 20 30.64 7.33 -23.58
CA VAL B 20 29.52 6.93 -22.74
C VAL B 20 29.64 5.46 -22.39
N VAL B 21 29.04 5.10 -21.27
CA VAL B 21 28.90 3.71 -20.83
C VAL B 21 27.41 3.45 -20.71
N LEU B 22 26.91 2.46 -21.45
CA LEU B 22 25.49 2.18 -21.44
C LEU B 22 25.24 0.71 -21.09
N GLU B 23 24.05 0.45 -20.54
CA GLU B 23 23.63 -0.90 -20.16
C GLU B 23 22.17 -1.11 -20.54
N GLY B 24 21.86 -2.27 -21.13
CA GLY B 24 20.49 -2.51 -21.55
C GLY B 24 20.36 -3.79 -22.36
N TRP B 25 19.20 -3.91 -23.02
CA TRP B 25 18.83 -5.11 -23.77
C TRP B 25 18.97 -4.87 -25.26
N VAL B 26 19.31 -5.94 -25.98
CA VAL B 26 19.43 -5.85 -27.44
C VAL B 26 18.03 -5.96 -28.03
N ASN B 27 17.50 -4.82 -28.47
CA ASN B 27 16.17 -4.79 -29.09
C ASN B 27 16.18 -5.49 -30.45
N ARG B 28 17.26 -5.32 -31.21
CA ARG B 28 17.37 -5.93 -32.53
C ARG B 28 18.83 -5.84 -32.98
N ARG B 29 19.23 -6.83 -33.78
CA ARG B 29 20.55 -6.87 -34.38
C ARG B 29 20.42 -6.93 -35.90
N ARG B 30 21.23 -6.14 -36.61
CA ARG B 30 21.29 -6.18 -38.07
C ARG B 30 22.74 -6.11 -38.52
N ASP B 31 23.13 -6.98 -39.44
CA ASP B 31 24.47 -7.03 -39.99
C ASP B 31 24.48 -6.46 -41.40
N LEU B 32 25.45 -5.59 -41.68
CA LEU B 32 25.50 -4.91 -42.98
C LEU B 32 26.94 -4.58 -43.34
N GLY B 33 27.44 -5.17 -44.43
CA GLY B 33 28.78 -4.87 -44.92
C GLY B 33 29.87 -5.05 -43.87
N GLY B 34 29.70 -6.04 -42.99
CA GLY B 34 30.64 -6.27 -41.92
C GLY B 34 30.36 -5.51 -40.64
N LEU B 35 29.56 -4.45 -40.70
CA LEU B 35 29.17 -3.74 -39.50
C LEU B 35 28.07 -4.51 -38.77
N ILE B 36 28.07 -4.40 -37.46
CA ILE B 36 27.02 -4.99 -36.63
C ILE B 36 26.30 -3.84 -35.92
N PHE B 37 25.02 -3.67 -36.24
CA PHE B 37 24.19 -2.63 -35.65
C PHE B 37 23.33 -3.25 -34.55
N LEU B 38 23.45 -2.74 -33.33
CA LEU B 38 22.66 -3.20 -32.20
C LEU B 38 21.81 -2.04 -31.69
N ASP B 39 20.48 -2.19 -31.76
CA ASP B 39 19.59 -1.26 -31.08
C ASP B 39 19.55 -1.62 -29.59
N LEU B 40 20.21 -0.81 -28.77
CA LEU B 40 20.27 -1.01 -27.33
C LEU B 40 19.08 -0.33 -26.67
N ARG B 41 18.41 -1.07 -25.77
CA ARG B 41 17.16 -0.62 -25.15
C ARG B 41 17.30 -0.56 -23.63
N ASP B 42 16.81 0.53 -23.03
CA ASP B 42 16.47 0.53 -21.62
C ASP B 42 15.16 1.31 -21.47
N ARG B 43 14.79 1.65 -20.23
CA ARG B 43 13.47 2.20 -20.00
C ARG B 43 13.25 3.56 -20.64
N GLU B 44 14.32 4.23 -21.09
CA GLU B 44 14.17 5.52 -21.75
C GLU B 44 14.13 5.42 -23.27
N GLY B 45 14.37 4.24 -23.84
CA GLY B 45 14.23 4.07 -25.27
C GLY B 45 15.46 3.44 -25.90
N LEU B 46 15.53 3.52 -27.23
CA LEU B 46 16.54 2.85 -28.04
C LEU B 46 17.65 3.81 -28.45
N VAL B 47 18.87 3.28 -28.56
CA VAL B 47 19.96 3.98 -29.21
C VAL B 47 20.75 2.97 -30.04
N GLN B 48 21.26 3.42 -31.19
CA GLN B 48 21.99 2.53 -32.09
C GLN B 48 23.45 2.40 -31.66
N LEU B 49 23.90 1.17 -31.44
CA LEU B 49 25.31 0.86 -31.29
C LEU B 49 25.86 0.37 -32.61
N VAL B 50 27.13 0.69 -32.88
CA VAL B 50 27.80 0.24 -34.10
C VAL B 50 29.09 -0.45 -33.70
N ALA B 51 29.24 -1.72 -34.09
CA ALA B 51 30.46 -2.49 -33.89
C ALA B 51 31.14 -2.66 -35.23
N HIS B 52 32.35 -2.12 -35.36
CA HIS B 52 33.20 -2.13 -36.54
C HIS B 52 34.15 -3.32 -36.49
N PRO B 53 34.44 -3.97 -37.62
CA PRO B 53 35.33 -5.15 -37.60
C PRO B 53 36.69 -4.89 -36.97
N ALA B 54 37.17 -3.65 -36.96
CA ALA B 54 38.47 -3.32 -36.38
C ALA B 54 38.41 -3.06 -34.90
N SER B 55 37.25 -3.12 -34.28
CA SER B 55 37.11 -2.76 -32.88
C SER B 55 37.34 -3.98 -31.98
N PRO B 56 37.91 -3.76 -30.80
CA PRO B 56 37.97 -4.86 -29.82
C PRO B 56 36.59 -5.37 -29.43
N ALA B 57 35.55 -4.56 -29.58
CA ALA B 57 34.20 -4.96 -29.24
C ALA B 57 33.58 -5.92 -30.23
N TYR B 58 34.22 -6.12 -31.40
CA TYR B 58 33.54 -6.81 -32.50
C TYR B 58 33.32 -8.28 -32.18
N ALA B 59 34.31 -8.95 -31.60
CA ALA B 59 34.17 -10.37 -31.28
C ALA B 59 32.99 -10.60 -30.35
N THR B 60 32.82 -9.74 -29.35
CA THR B 60 31.66 -9.87 -28.46
C THR B 60 30.37 -9.64 -29.22
N ALA B 61 30.32 -8.58 -30.04
CA ALA B 61 29.10 -8.23 -30.76
C ALA B 61 28.64 -9.35 -31.68
N GLU B 62 29.56 -10.19 -32.16
CA GLU B 62 29.15 -11.27 -33.06
C GLU B 62 28.33 -12.33 -32.33
N ARG B 63 28.50 -12.47 -31.01
CA ARG B 63 27.76 -13.47 -30.25
C ARG B 63 26.35 -13.02 -29.93
N VAL B 64 26.08 -11.71 -29.97
CA VAL B 64 24.89 -11.16 -29.34
C VAL B 64 23.63 -11.50 -30.15
N ARG B 65 22.56 -11.84 -29.43
CA ARG B 65 21.25 -12.13 -30.01
C ARG B 65 20.21 -11.21 -29.38
N PRO B 66 19.01 -11.10 -29.94
CA PRO B 66 17.99 -10.24 -29.32
C PRO B 66 17.73 -10.60 -27.87
N GLU B 67 17.42 -9.57 -27.07
CA GLU B 67 17.12 -9.63 -25.64
C GLU B 67 18.32 -10.02 -24.77
N TRP B 68 19.51 -10.15 -25.34
CA TRP B 68 20.70 -10.27 -24.51
C TRP B 68 20.95 -8.95 -23.79
N VAL B 69 21.53 -9.04 -22.60
CA VAL B 69 21.84 -7.87 -21.78
C VAL B 69 23.33 -7.59 -21.89
N VAL B 70 23.68 -6.34 -22.20
CA VAL B 70 25.08 -5.99 -22.47
C VAL B 70 25.43 -4.67 -21.79
N ARG B 71 26.73 -4.49 -21.57
CA ARG B 71 27.30 -3.20 -21.21
C ARG B 71 28.18 -2.73 -22.36
N ALA B 72 27.94 -1.50 -22.82
CA ALA B 72 28.57 -0.98 -24.03
C ALA B 72 29.31 0.31 -23.71
N LYS B 73 30.46 0.50 -24.35
CA LYS B 73 31.26 1.70 -24.20
C LYS B 73 31.72 2.18 -25.57
N GLY B 74 31.70 3.49 -25.77
CA GLY B 74 32.08 4.04 -27.05
C GLY B 74 31.74 5.52 -27.11
N LEU B 75 31.89 6.07 -28.31
CA LEU B 75 31.75 7.51 -28.54
C LEU B 75 30.46 7.81 -29.29
N VAL B 76 29.76 8.84 -28.84
CA VAL B 76 28.55 9.27 -29.52
C VAL B 76 28.91 10.02 -30.78
N ARG B 77 28.34 9.60 -31.91
CA ARG B 77 28.54 10.27 -33.18
C ARG B 77 27.20 10.47 -33.86
N LEU B 78 27.17 11.42 -34.79
CA LEU B 78 26.01 11.56 -35.67
C LEU B 78 25.93 10.38 -36.62
N ARG B 79 24.68 9.95 -36.91
CA ARG B 79 24.43 8.98 -37.97
C ARG B 79 24.53 9.64 -39.33
N PRO B 80 25.09 8.97 -40.33
CA PRO B 80 25.05 9.53 -41.69
C PRO B 80 23.65 9.89 -42.14
N GLU B 81 22.68 9.03 -41.90
CA GLU B 81 21.29 9.37 -42.13
C GLU B 81 20.48 9.15 -40.85
N PRO B 82 19.77 10.15 -40.36
CA PRO B 82 19.07 10.00 -39.08
C PRO B 82 17.77 9.21 -39.22
N ASN B 83 17.38 8.58 -38.11
CA ASN B 83 16.10 7.89 -38.03
C ASN B 83 15.12 8.81 -37.32
N PRO B 84 14.22 9.49 -38.03
CA PRO B 84 13.36 10.50 -37.37
C PRO B 84 12.31 9.90 -36.46
N ARG B 85 12.14 8.59 -36.43
CA ARG B 85 11.16 7.95 -35.56
C ARG B 85 11.69 7.66 -34.18
N LEU B 86 12.95 8.00 -33.90
CA LEU B 86 13.57 7.73 -32.60
C LEU B 86 14.05 9.04 -31.98
N ALA B 87 13.89 9.15 -30.66
CA ALA B 87 14.38 10.32 -29.95
C ALA B 87 15.91 10.43 -30.05
N THR B 88 16.61 9.31 -30.06
CA THR B 88 18.05 9.29 -30.26
C THR B 88 18.43 9.18 -31.73
N GLY B 89 17.46 9.32 -32.63
CA GLY B 89 17.62 8.95 -34.03
C GLY B 89 18.70 9.69 -34.79
N ARG B 90 19.24 10.78 -34.23
CA ARG B 90 20.29 11.52 -34.93
C ARG B 90 21.68 10.99 -34.63
N VAL B 91 21.83 10.15 -33.60
CA VAL B 91 23.14 9.79 -33.06
C VAL B 91 23.25 8.27 -33.00
N GLU B 92 24.46 7.82 -32.74
CA GLU B 92 24.77 6.41 -32.57
C GLU B 92 26.02 6.33 -31.70
N VAL B 93 26.30 5.13 -31.21
CA VAL B 93 27.47 4.90 -30.37
C VAL B 93 28.44 4.01 -31.14
N GLU B 94 29.62 4.55 -31.45
CA GLU B 94 30.69 3.79 -32.08
C GLU B 94 31.39 2.97 -31.01
N LEU B 95 31.21 1.66 -31.03
CA LEU B 95 31.60 0.83 -29.91
C LEU B 95 33.12 0.68 -29.83
N SER B 96 33.67 0.87 -28.63
CA SER B 96 35.04 0.50 -28.33
C SER B 96 35.14 -0.71 -27.41
N ALA B 97 34.07 -1.02 -26.67
CA ALA B 97 34.05 -2.20 -25.81
C ALA B 97 32.61 -2.67 -25.65
N LEU B 98 32.45 -3.97 -25.45
CA LEU B 98 31.13 -4.57 -25.27
C LEU B 98 31.29 -5.84 -24.46
N GLU B 99 30.48 -6.00 -23.41
CA GLU B 99 30.50 -7.23 -22.65
C GLU B 99 29.08 -7.74 -22.49
N VAL B 100 28.95 -9.07 -22.55
CA VAL B 100 27.66 -9.71 -22.33
C VAL B 100 27.46 -9.88 -20.84
N LEU B 101 26.41 -9.27 -20.29
CA LEU B 101 26.05 -9.48 -18.91
C LEU B 101 25.08 -10.65 -18.74
N ALA B 102 24.29 -10.96 -19.76
CA ALA B 102 23.34 -12.06 -19.69
C ALA B 102 22.88 -12.43 -21.09
N GLU B 103 22.74 -13.73 -21.32
CA GLU B 103 22.18 -14.24 -22.57
C GLU B 103 20.67 -14.45 -22.42
N ALA B 104 20.01 -14.68 -23.54
CA ALA B 104 18.56 -14.80 -23.52
C ALA B 104 18.11 -15.68 -24.67
N LYS B 105 17.10 -16.51 -24.41
CA LYS B 105 16.51 -17.24 -25.51
C LYS B 105 15.35 -16.45 -26.10
N THR B 106 14.88 -16.90 -27.26
CA THR B 106 13.92 -16.15 -28.04
C THR B 106 12.60 -16.04 -27.27
N PRO B 107 12.05 -14.83 -27.10
CA PRO B 107 10.83 -14.70 -26.31
C PRO B 107 9.63 -15.27 -27.05
N PRO B 108 8.59 -15.69 -26.33
CA PRO B 108 7.42 -16.29 -27.00
C PRO B 108 6.57 -15.29 -27.77
N PHE B 109 6.80 -13.99 -27.61
CA PHE B 109 6.15 -12.97 -28.40
C PHE B 109 7.09 -11.78 -28.46
N PRO B 110 6.96 -10.91 -29.46
CA PRO B 110 7.89 -9.78 -29.58
C PRO B 110 7.57 -8.67 -28.60
N VAL B 111 8.64 -8.00 -28.15
CA VAL B 111 8.55 -6.83 -27.28
C VAL B 111 9.22 -5.61 -27.88
N ASP B 112 9.74 -5.72 -29.10
CA ASP B 112 10.63 -4.70 -29.66
C ASP B 112 9.90 -3.63 -30.45
N ALA B 113 8.69 -3.91 -30.94
CA ALA B 113 8.05 -3.01 -31.90
C ALA B 113 7.77 -1.64 -31.29
N GLY B 114 7.15 -1.62 -30.10
CA GLY B 114 6.74 -0.36 -29.52
C GLY B 114 7.89 0.59 -29.23
N TRP B 115 9.08 0.06 -28.95
CA TRP B 115 10.22 0.93 -28.69
C TRP B 115 10.70 1.62 -29.96
N ARG B 116 10.32 1.12 -31.14
CA ARG B 116 10.64 1.75 -32.41
C ARG B 116 9.56 2.71 -32.89
N GLY B 117 8.51 2.91 -32.12
CA GLY B 117 7.38 3.70 -32.59
C GLY B 117 6.48 2.99 -33.57
N GLU B 118 6.70 1.71 -33.81
CA GLU B 118 5.88 0.90 -34.69
C GLU B 118 4.73 0.28 -33.92
N GLU B 119 3.71 -0.16 -34.65
CA GLU B 119 2.52 -0.73 -34.03
C GLU B 119 2.78 -2.16 -33.57
N GLU B 120 2.15 -2.53 -32.46
CA GLU B 120 2.32 -3.86 -31.88
C GLU B 120 1.16 -4.76 -32.30
N LYS B 121 1.48 -5.98 -32.74
CA LYS B 121 0.46 -6.95 -33.09
C LYS B 121 -0.15 -7.53 -31.83
N GLU B 122 -1.40 -7.95 -31.93
CA GLU B 122 -2.11 -8.46 -30.76
C GLU B 122 -1.63 -9.86 -30.42
N ALA B 123 -1.22 -10.05 -29.17
CA ALA B 123 -0.83 -11.35 -28.66
C ALA B 123 -1.92 -11.88 -27.73
N SER B 124 -1.97 -13.21 -27.60
CA SER B 124 -2.89 -13.85 -26.68
C SER B 124 -2.65 -13.36 -25.24
N GLU B 125 -3.73 -12.92 -24.58
CA GLU B 125 -3.54 -12.34 -23.25
C GLU B 125 -3.17 -13.40 -22.22
N GLU B 126 -3.63 -14.64 -22.40
CA GLU B 126 -3.20 -15.70 -21.49
C GLU B 126 -1.70 -15.92 -21.60
N LEU B 127 -1.15 -15.80 -22.80
CA LEU B 127 0.29 -15.96 -22.99
C LEU B 127 1.05 -14.75 -22.42
N ARG B 128 0.51 -13.54 -22.61
CA ARG B 128 1.11 -12.36 -22.01
C ARG B 128 1.16 -12.49 -20.50
N LEU B 129 0.10 -13.01 -19.89
CA LEU B 129 0.08 -13.17 -18.44
C LEU B 129 1.01 -14.28 -17.99
N LYS B 130 1.08 -15.37 -18.75
CA LYS B 130 1.99 -16.45 -18.39
C LYS B 130 3.43 -15.97 -18.40
N TYR B 131 3.77 -15.07 -19.31
CA TYR B 131 5.09 -14.47 -19.35
C TYR B 131 5.00 -12.97 -19.07
N ARG B 132 4.39 -12.60 -17.94
CA ARG B 132 4.13 -11.18 -17.70
C ARG B 132 5.42 -10.38 -17.54
N TYR B 133 6.49 -11.02 -17.06
CA TYR B 133 7.76 -10.29 -16.93
C TYR B 133 8.35 -9.91 -18.28
N LEU B 134 7.95 -10.59 -19.36
CA LEU B 134 8.34 -10.15 -20.70
C LEU B 134 7.34 -9.16 -21.28
N ASP B 135 6.04 -9.40 -21.07
CA ASP B 135 5.02 -8.45 -21.52
C ASP B 135 5.28 -7.06 -20.95
N LEU B 136 5.77 -6.99 -19.71
CA LEU B 136 6.10 -5.71 -19.09
C LEU B 136 7.33 -5.05 -19.69
N ARG B 137 8.05 -5.72 -20.60
CA ARG B 137 9.14 -5.06 -21.30
C ARG B 137 8.64 -4.09 -22.37
N ARG B 138 7.41 -4.28 -22.87
CA ARG B 138 6.89 -3.43 -23.94
C ARG B 138 6.75 -1.99 -23.46
N ARG B 139 6.88 -1.06 -24.42
CA ARG B 139 6.84 0.35 -24.06
C ARG B 139 5.49 0.75 -23.49
N ARG B 140 4.40 0.24 -24.07
CA ARG B 140 3.07 0.65 -23.60
C ARG B 140 2.84 0.22 -22.16
N MET B 141 3.31 -0.97 -21.77
CA MET B 141 3.08 -1.44 -20.41
C MET B 141 3.92 -0.65 -19.40
N GLN B 142 5.13 -0.25 -19.79
CA GLN B 142 5.93 0.56 -18.90
C GLN B 142 5.35 1.96 -18.77
N GLU B 143 4.80 2.49 -19.87
CA GLU B 143 4.10 3.77 -19.79
C GLU B 143 2.93 3.71 -18.82
N ASN B 144 2.15 2.62 -18.88
CA ASN B 144 1.02 2.47 -17.97
C ASN B 144 1.49 2.45 -16.51
N LEU B 145 2.50 1.64 -16.19
CA LEU B 145 2.96 1.54 -14.81
C LEU B 145 3.60 2.83 -14.32
N ARG B 146 4.31 3.55 -15.19
CA ARG B 146 4.92 4.81 -14.75
C ARG B 146 3.89 5.91 -14.61
N LEU B 147 2.83 5.88 -15.43
CA LEU B 147 1.69 6.76 -15.18
C LEU B 147 1.04 6.45 -13.84
N ARG B 148 0.86 5.16 -13.54
CA ARG B 148 0.30 4.78 -12.24
C ARG B 148 1.14 5.34 -11.09
N HIS B 149 2.46 5.30 -11.23
CA HIS B 149 3.34 5.90 -10.24
C HIS B 149 3.10 7.40 -10.13
N ARG B 150 3.00 8.09 -11.27
CA ARG B 150 2.85 9.54 -11.24
C ARG B 150 1.52 9.93 -10.60
N VAL B 151 0.46 9.16 -10.88
CA VAL B 151 -0.84 9.48 -10.32
C VAL B 151 -0.82 9.36 -8.81
N ILE B 152 -0.24 8.26 -8.30
CA ILE B 152 -0.23 8.05 -6.85
C ILE B 152 0.61 9.13 -6.18
N LYS B 153 1.76 9.49 -6.77
CA LYS B 153 2.60 10.52 -6.16
C LYS B 153 1.90 11.87 -6.12
N ALA B 154 1.16 12.21 -7.19
CA ALA B 154 0.38 13.44 -7.20
C ALA B 154 -0.70 13.39 -6.12
N ILE B 155 -1.34 12.23 -5.95
CA ILE B 155 -2.33 12.09 -4.87
C ILE B 155 -1.68 12.37 -3.52
N TRP B 156 -0.48 11.83 -3.31
CA TRP B 156 0.23 12.06 -2.05
C TRP B 156 0.54 13.53 -1.85
N ASP B 157 1.00 14.22 -2.90
CA ASP B 157 1.39 15.61 -2.75
C ASP B 157 0.19 16.49 -2.41
N PHE B 158 -0.94 16.26 -3.07
CA PHE B 158 -2.11 17.10 -2.86
C PHE B 158 -2.72 16.87 -1.48
N LEU B 159 -2.93 15.60 -1.11
CA LEU B 159 -3.60 15.31 0.16
C LEU B 159 -2.70 15.64 1.34
N ASP B 160 -1.40 15.40 1.21
CA ASP B 160 -0.48 15.84 2.26
C ASP B 160 -0.57 17.36 2.43
N ARG B 161 -0.61 18.09 1.32
CA ARG B 161 -0.74 19.54 1.39
C ARG B 161 -2.04 19.96 2.06
N GLU B 162 -3.11 19.20 1.87
CA GLU B 162 -4.43 19.50 2.44
C GLU B 162 -4.61 18.95 3.84
N GLY B 163 -3.57 18.36 4.44
CA GLY B 163 -3.63 17.94 5.83
C GLY B 163 -4.15 16.54 6.07
N PHE B 164 -4.29 15.72 5.03
CA PHE B 164 -4.71 14.34 5.21
C PHE B 164 -3.56 13.51 5.76
N VAL B 165 -3.88 12.58 6.65
CA VAL B 165 -2.91 11.66 7.22
C VAL B 165 -3.10 10.31 6.56
N GLN B 166 -2.03 9.78 5.97
CA GLN B 166 -2.08 8.42 5.44
C GLN B 166 -1.98 7.43 6.58
N VAL B 167 -2.94 6.51 6.67
CA VAL B 167 -2.96 5.48 7.69
C VAL B 167 -3.17 4.14 7.01
N GLU B 168 -2.28 3.17 7.29
CA GLU B 168 -2.43 1.83 6.74
C GLU B 168 -3.29 1.00 7.68
N THR B 169 -4.34 0.36 7.12
CA THR B 169 -5.32 -0.39 7.88
C THR B 169 -5.12 -1.90 7.72
N PRO B 170 -5.75 -2.73 8.55
CA PRO B 170 -5.43 -4.16 8.54
C PRO B 170 -5.90 -4.92 7.30
N PHE B 171 -5.16 -5.99 6.99
CA PHE B 171 -5.56 -6.96 5.98
C PHE B 171 -6.16 -8.22 6.58
N LEU B 172 -5.82 -8.56 7.82
CA LEU B 172 -6.36 -9.73 8.50
C LEU B 172 -7.32 -9.22 9.56
N THR B 173 -8.61 -9.20 9.23
CA THR B 173 -9.59 -8.50 10.05
C THR B 173 -10.87 -9.33 10.13
N LYS B 174 -11.97 -8.68 10.49
CA LYS B 174 -13.19 -9.39 10.84
C LYS B 174 -14.09 -9.60 9.63
N SER B 175 -14.70 -10.77 9.57
CA SER B 175 -15.60 -11.17 8.49
C SER B 175 -16.96 -10.47 8.59
N PRO B 177 -17.43 -5.53 4.02
CA PRO B 177 -18.91 -5.42 4.02
C PRO B 177 -19.47 -4.50 2.92
N GLU B 178 -19.17 -4.79 1.65
CA GLU B 178 -19.46 -3.87 0.55
C GLU B 178 -20.32 -4.49 -0.55
N GLY B 179 -20.95 -5.63 -0.29
CA GLY B 179 -21.82 -6.23 -1.28
C GLY B 179 -21.16 -7.33 -2.09
N ALA B 180 -20.30 -8.11 -1.46
CA ALA B 180 -19.65 -9.25 -2.08
C ALA B 180 -19.36 -10.29 -1.01
N ARG B 181 -18.77 -11.40 -1.42
CA ARG B 181 -18.35 -12.42 -0.46
C ARG B 181 -16.93 -12.11 0.04
N ASP B 182 -16.68 -12.49 1.28
CA ASP B 182 -15.36 -12.30 1.88
C ASP B 182 -14.42 -13.41 1.46
N PHE B 183 -13.16 -13.05 1.19
CA PHE B 183 -12.08 -14.02 1.15
C PHE B 183 -11.65 -14.33 2.57
N LEU B 184 -11.57 -15.61 2.91
CA LEU B 184 -11.26 -16.05 4.26
C LEU B 184 -9.82 -16.51 4.35
N VAL B 185 -9.28 -16.45 5.57
CA VAL B 185 -7.93 -16.92 5.88
C VAL B 185 -8.02 -17.80 7.12
N PRO B 186 -7.73 -19.10 7.03
CA PRO B 186 -7.88 -19.98 8.19
C PRO B 186 -6.89 -19.62 9.29
N TYR B 187 -7.37 -19.63 10.53
CA TYR B 187 -6.54 -19.38 11.70
C TYR B 187 -5.97 -20.72 12.17
N ARG B 188 -4.65 -20.87 12.04
CA ARG B 188 -4.02 -22.18 12.21
C ARG B 188 -4.21 -22.75 13.62
N HIS B 189 -4.10 -21.91 14.66
CA HIS B 189 -4.05 -22.43 16.02
C HIS B 189 -5.40 -22.90 16.56
N GLU B 190 -6.51 -22.48 15.95
CA GLU B 190 -7.84 -22.89 16.40
C GLU B 190 -8.71 -23.12 15.16
N PRO B 191 -8.69 -24.33 14.62
CA PRO B 191 -9.51 -24.63 13.43
C PRO B 191 -10.97 -24.27 13.64
N GLY B 192 -11.58 -23.72 12.59
CA GLY B 192 -12.89 -23.13 12.67
C GLY B 192 -12.88 -21.63 12.85
N LEU B 193 -11.73 -21.06 13.18
CA LEU B 193 -11.55 -19.61 13.22
C LEU B 193 -10.90 -19.14 11.94
N PHE B 194 -11.32 -17.97 11.47
CA PHE B 194 -10.81 -17.39 10.22
C PHE B 194 -10.65 -15.89 10.40
N TYR B 195 -9.67 -15.33 9.68
CA TYR B 195 -9.72 -13.91 9.35
C TYR B 195 -10.45 -13.72 8.04
N ALA B 196 -10.80 -12.48 7.75
CA ALA B 196 -11.28 -12.10 6.44
C ALA B 196 -10.35 -11.03 5.88
N LEU B 197 -10.13 -11.07 4.57
CA LEU B 197 -9.52 -9.94 3.89
C LEU B 197 -10.57 -8.83 3.77
N PRO B 198 -10.15 -7.56 3.86
CA PRO B 198 -11.14 -6.48 3.88
C PRO B 198 -11.72 -6.25 2.49
N GLN B 199 -13.06 -6.18 2.41
CA GLN B 199 -13.69 -5.72 1.19
C GLN B 199 -13.46 -4.22 0.97
N SER B 200 -13.19 -3.48 2.04
CA SER B 200 -12.78 -2.07 2.01
C SER B 200 -12.33 -1.69 3.40
N PRO B 201 -11.65 -0.56 3.58
CA PRO B 201 -11.31 -0.14 4.95
C PRO B 201 -12.40 0.68 5.64
N GLN B 202 -13.65 0.61 5.14
CA GLN B 202 -14.76 1.45 5.59
C GLN B 202 -14.82 1.68 7.09
N LEU B 203 -14.94 0.60 7.86
CA LEU B 203 -15.11 0.74 9.30
C LEU B 203 -13.84 1.24 9.99
N PHE B 204 -12.67 0.92 9.43
CA PHE B 204 -11.45 1.41 10.05
C PHE B 204 -11.30 2.92 9.86
N LYS B 205 -11.68 3.43 8.70
CA LYS B 205 -11.52 4.86 8.48
C LYS B 205 -12.55 5.67 9.25
N GLN B 206 -13.75 5.13 9.46
CA GLN B 206 -14.70 5.83 10.34
C GLN B 206 -14.17 5.85 11.77
N MET B 207 -13.56 4.74 12.21
CA MET B 207 -12.98 4.71 13.55
C MET B 207 -11.80 5.67 13.67
N LEU B 208 -11.11 5.96 12.57
CA LEU B 208 -10.05 6.96 12.64
C LEU B 208 -10.63 8.35 12.79
N MET B 209 -11.86 8.56 12.33
CA MET B 209 -12.55 9.82 12.62
C MET B 209 -13.02 9.88 14.07
N VAL B 210 -13.53 8.77 14.60
CA VAL B 210 -13.83 8.72 16.03
C VAL B 210 -12.57 8.99 16.84
N ALA B 211 -11.40 8.56 16.34
CA ALA B 211 -10.14 8.78 17.03
C ALA B 211 -9.67 10.22 16.94
N GLY B 212 -10.28 11.03 16.09
CA GLY B 212 -9.94 12.44 16.02
C GLY B 212 -8.82 12.82 15.09
N LEU B 213 -8.50 11.97 14.11
CA LEU B 213 -7.45 12.33 13.15
C LEU B 213 -7.91 13.33 12.10
N ASP B 214 -9.22 13.65 12.09
CA ASP B 214 -9.84 14.65 11.23
C ASP B 214 -9.88 14.34 9.72
N ARG B 215 -8.76 13.91 9.13
CA ARG B 215 -8.77 13.56 7.71
C ARG B 215 -7.72 12.51 7.40
N TYR B 216 -8.15 11.48 6.67
CA TYR B 216 -7.34 10.29 6.42
C TYR B 216 -7.35 9.99 4.92
N PHE B 217 -6.31 9.32 4.44
CA PHE B 217 -6.38 8.68 3.14
C PHE B 217 -5.51 7.44 3.14
N GLN B 218 -5.71 6.60 2.13
CA GLN B 218 -4.92 5.40 1.96
C GLN B 218 -5.08 4.91 0.53
N ILE B 219 -3.98 4.46 -0.07
CA ILE B 219 -4.04 3.70 -1.31
C ILE B 219 -4.27 2.24 -0.89
N ALA B 220 -5.52 1.82 -0.90
CA ALA B 220 -5.93 0.61 -0.19
C ALA B 220 -6.24 -0.52 -1.16
N ARG B 221 -5.83 -1.72 -0.81
CA ARG B 221 -6.17 -2.91 -1.57
C ARG B 221 -7.45 -3.51 -0.97
N CYS B 222 -8.44 -3.77 -1.83
CA CYS B 222 -9.73 -4.31 -1.43
C CYS B 222 -9.90 -5.69 -2.05
N PHE B 223 -10.53 -6.60 -1.31
CA PHE B 223 -10.66 -8.00 -1.72
C PHE B 223 -12.13 -8.37 -1.67
N ARG B 224 -12.67 -8.82 -2.81
CA ARG B 224 -14.09 -9.14 -2.92
C ARG B 224 -14.26 -10.35 -3.81
N ASP B 225 -14.89 -11.39 -3.29
CA ASP B 225 -15.07 -12.65 -4.01
C ASP B 225 -16.40 -12.57 -4.75
N GLU B 226 -16.35 -12.05 -5.97
CA GLU B 226 -17.53 -11.94 -6.81
C GLU B 226 -17.42 -12.92 -7.98
N ASP B 227 -18.57 -13.20 -8.60
CA ASP B 227 -18.57 -13.86 -9.90
C ASP B 227 -17.88 -12.91 -10.87
N LEU B 228 -16.59 -13.14 -11.12
CA LEU B 228 -15.72 -12.14 -11.73
C LEU B 228 -16.08 -11.77 -13.17
N ARG B 229 -17.37 -11.58 -13.44
CA ARG B 229 -17.79 -11.01 -14.71
C ARG B 229 -17.64 -9.48 -14.66
N ALA B 230 -17.64 -8.86 -15.84
CA ALA B 230 -17.49 -7.41 -16.01
C ALA B 230 -16.10 -6.93 -15.60
N ASP B 231 -15.07 -7.66 -16.03
CA ASP B 231 -13.67 -7.27 -15.84
C ASP B 231 -13.34 -7.12 -14.35
N ARG B 232 -13.74 -8.13 -13.57
CA ARG B 232 -13.54 -8.11 -12.13
C ARG B 232 -12.22 -8.78 -11.77
N GLN B 233 -11.46 -8.15 -10.92
CA GLN B 233 -10.30 -8.81 -10.33
C GLN B 233 -10.63 -9.24 -8.91
N PRO B 234 -10.03 -10.34 -8.42
CA PRO B 234 -10.28 -10.72 -7.02
C PRO B 234 -9.91 -9.64 -6.03
N ASP B 235 -8.84 -8.89 -6.27
CA ASP B 235 -8.53 -7.69 -5.51
C ASP B 235 -8.24 -6.55 -6.46
N PHE B 236 -8.41 -5.33 -5.94
CA PHE B 236 -8.24 -4.12 -6.71
C PHE B 236 -7.85 -2.99 -5.75
N THR B 237 -7.58 -1.82 -6.30
CA THR B 237 -7.00 -0.73 -5.52
C THR B 237 -7.94 0.47 -5.48
N GLN B 238 -8.07 1.07 -4.30
CA GLN B 238 -8.86 2.27 -4.08
C GLN B 238 -7.97 3.39 -3.58
N LEU B 239 -8.23 4.61 -4.05
CA LEU B 239 -7.90 5.79 -3.25
C LEU B 239 -9.03 5.96 -2.25
N ASP B 240 -8.76 5.64 -0.99
CA ASP B 240 -9.76 5.73 0.07
C ASP B 240 -9.49 6.96 0.90
N LEU B 241 -10.54 7.69 1.29
CA LEU B 241 -10.33 8.88 2.13
C LEU B 241 -11.58 9.18 2.95
N GLU B 242 -11.37 9.93 4.03
CA GLU B 242 -12.44 10.25 4.98
C GLU B 242 -12.14 11.59 5.60
N MET B 243 -13.20 12.34 5.93
CA MET B 243 -13.06 13.67 6.50
C MET B 243 -14.08 13.86 7.62
N SER B 244 -13.74 14.69 8.59
CA SER B 244 -14.61 15.03 9.70
C SER B 244 -15.20 16.42 9.52
N PHE B 245 -16.35 16.63 10.15
CA PHE B 245 -17.01 17.93 10.19
C PHE B 245 -17.27 18.48 8.78
N VAL B 246 -17.81 17.61 7.91
CA VAL B 246 -18.03 17.97 6.52
C VAL B 246 -19.49 17.74 6.14
N GLU B 247 -19.97 18.52 5.19
CA GLU B 247 -21.19 18.24 4.46
C GLU B 247 -20.82 17.62 3.12
N VAL B 248 -21.84 17.20 2.37
CA VAL B 248 -21.62 16.61 1.05
C VAL B 248 -20.74 17.52 0.19
N GLU B 249 -21.09 18.81 0.15
CA GLU B 249 -20.36 19.75 -0.70
C GLU B 249 -18.87 19.80 -0.37
N ASP B 250 -18.51 19.70 0.91
CA ASP B 250 -17.09 19.75 1.27
C ASP B 250 -16.35 18.55 0.69
N VAL B 251 -16.97 17.37 0.73
CA VAL B 251 -16.33 16.19 0.14
C VAL B 251 -16.20 16.35 -1.36
N LEU B 252 -17.26 16.83 -2.02
CA LEU B 252 -17.26 16.94 -3.48
C LEU B 252 -16.19 17.91 -3.96
N GLU B 253 -16.09 19.07 -3.31
CA GLU B 253 -15.16 20.09 -3.78
C GLU B 253 -13.71 19.65 -3.58
N LEU B 254 -13.42 18.99 -2.45
CA LEU B 254 -12.07 18.48 -2.21
C LEU B 254 -11.69 17.47 -3.29
N ASN B 255 -12.60 16.56 -3.63
CA ASN B 255 -12.29 15.54 -4.62
C ASN B 255 -12.11 16.14 -6.00
N GLU B 256 -12.94 17.14 -6.35
CA GLU B 256 -12.79 17.82 -7.63
C GLU B 256 -11.40 18.43 -7.79
N ARG B 257 -10.96 19.20 -6.79
CA ARG B 257 -9.65 19.81 -6.87
C ARG B 257 -8.56 18.74 -6.92
N LEU B 258 -8.73 17.64 -6.19
CA LEU B 258 -7.75 16.57 -6.21
C LEU B 258 -7.65 15.95 -7.60
N MET B 259 -8.80 15.67 -8.22
CA MET B 259 -8.80 15.05 -9.54
C MET B 259 -8.17 15.96 -10.58
N ALA B 260 -8.47 17.25 -10.52
CA ALA B 260 -7.86 18.18 -11.47
C ALA B 260 -6.35 18.23 -11.29
N HIS B 261 -5.90 18.17 -10.04
CA HIS B 261 -4.45 18.13 -9.81
C HIS B 261 -3.84 16.87 -10.39
N VAL B 262 -4.48 15.72 -10.16
CA VAL B 262 -3.96 14.46 -10.71
C VAL B 262 -3.83 14.55 -12.22
N PHE B 263 -4.91 14.95 -12.90
CA PHE B 263 -4.89 14.99 -14.35
C PHE B 263 -3.88 16.01 -14.88
N ARG B 264 -3.71 17.13 -14.18
CA ARG B 264 -2.76 18.14 -14.63
C ARG B 264 -1.32 17.65 -14.50
N GLU B 265 -0.98 17.07 -13.35
CA GLU B 265 0.40 16.68 -13.08
C GLU B 265 0.81 15.39 -13.77
N ALA B 266 -0.11 14.45 -13.94
CA ALA B 266 0.24 13.15 -14.50
C ALA B 266 -0.02 13.05 -16.00
N LEU B 267 -1.03 13.76 -16.51
CA LEU B 267 -1.41 13.69 -17.92
C LEU B 267 -1.23 15.01 -18.68
N GLY B 268 -0.97 16.11 -17.99
CA GLY B 268 -0.96 17.40 -18.66
C GLY B 268 -2.32 17.83 -19.20
N VAL B 269 -3.40 17.37 -18.59
CA VAL B 269 -4.76 17.67 -19.02
C VAL B 269 -5.41 18.60 -18.00
N GLU B 270 -6.00 19.68 -18.48
CA GLU B 270 -6.77 20.59 -17.64
C GLU B 270 -8.23 20.15 -17.59
N LEU B 271 -8.75 19.96 -16.39
CA LEU B 271 -10.15 19.61 -16.20
C LEU B 271 -10.89 20.82 -15.69
N PRO B 272 -11.85 21.37 -16.45
CA PRO B 272 -12.59 22.54 -15.97
C PRO B 272 -13.39 22.21 -14.71
N LEU B 273 -13.43 23.19 -13.81
CA LEU B 273 -14.09 23.04 -12.53
C LEU B 273 -15.20 24.09 -12.38
N PRO B 274 -16.29 23.77 -11.67
CA PRO B 274 -16.50 22.47 -11.02
C PRO B 274 -17.07 21.42 -11.96
N PHE B 275 -17.06 20.16 -11.54
CA PHE B 275 -17.70 19.11 -12.32
C PHE B 275 -19.20 19.36 -12.40
N PRO B 276 -19.84 19.02 -13.52
CA PRO B 276 -21.30 19.02 -13.54
C PRO B 276 -21.85 18.06 -12.50
N ARG B 277 -23.04 18.38 -12.00
CA ARG B 277 -23.75 17.59 -11.00
C ARG B 277 -25.13 17.23 -11.53
N LEU B 278 -25.52 15.97 -11.35
CA LEU B 278 -26.86 15.53 -11.69
C LEU B 278 -27.42 14.69 -10.55
N SER B 279 -28.67 14.95 -10.19
CA SER B 279 -29.30 14.09 -9.20
C SER B 279 -29.51 12.71 -9.80
N TYR B 280 -29.69 11.72 -8.92
CA TYR B 280 -29.99 10.37 -9.38
C TYR B 280 -31.21 10.37 -10.29
N GLU B 281 -32.25 11.12 -9.90
CA GLU B 281 -33.46 11.19 -10.73
C GLU B 281 -33.19 11.88 -12.05
N GLU B 282 -32.48 13.02 -12.02
CA GLU B 282 -32.13 13.72 -13.25
C GLU B 282 -31.32 12.83 -14.19
N ALA B 283 -30.33 12.11 -13.65
CA ALA B 283 -29.51 11.25 -14.50
C ALA B 283 -30.34 10.15 -15.16
N MET B 284 -31.26 9.55 -14.40
CA MET B 284 -32.06 8.46 -14.96
C MET B 284 -33.07 8.96 -15.99
N GLU B 285 -33.64 10.15 -15.74
CA GLU B 285 -34.59 10.72 -16.70
C GLU B 285 -33.92 11.13 -18.00
N ARG B 286 -32.77 11.82 -17.89
CA ARG B 286 -32.13 12.37 -19.09
C ARG B 286 -31.27 11.35 -19.81
N TYR B 287 -30.71 10.38 -19.10
CA TYR B 287 -29.78 9.44 -19.71
C TYR B 287 -30.11 7.97 -19.50
N GLY B 288 -31.10 7.64 -18.68
CA GLY B 288 -31.42 6.24 -18.43
C GLY B 288 -30.30 5.45 -17.78
N SER B 289 -29.46 6.11 -16.99
CA SER B 289 -28.33 5.45 -16.36
C SER B 289 -27.81 6.34 -15.23
N ASP B 290 -27.44 5.72 -14.12
CA ASP B 290 -26.86 6.45 -13.00
C ASP B 290 -25.35 6.66 -13.16
N LYS B 291 -24.78 6.25 -14.28
CA LYS B 291 -23.40 6.61 -14.65
C LYS B 291 -23.41 7.11 -16.08
N PRO B 292 -23.97 8.31 -16.31
CA PRO B 292 -24.16 8.79 -17.68
C PRO B 292 -22.83 8.99 -18.40
N ASP B 293 -22.88 8.83 -19.72
CA ASP B 293 -21.75 9.12 -20.60
C ASP B 293 -22.06 10.47 -21.25
N LEU B 294 -21.37 11.52 -20.80
CA LEU B 294 -21.63 12.88 -21.27
C LEU B 294 -20.78 13.27 -22.46
N ARG B 295 -20.13 12.30 -23.12
CA ARG B 295 -19.31 12.58 -24.29
C ARG B 295 -20.15 12.71 -25.56
N PHE B 296 -21.46 12.50 -25.50
CA PHE B 296 -22.34 12.74 -26.62
C PHE B 296 -23.71 13.11 -26.05
N GLY B 297 -24.61 13.52 -26.94
CA GLY B 297 -25.93 13.97 -26.55
C GLY B 297 -26.96 12.86 -26.59
N LEU B 298 -28.00 13.04 -27.41
CA LEU B 298 -29.06 12.05 -27.56
C LEU B 298 -29.77 11.78 -26.23
N GLU B 299 -30.25 12.86 -25.60
CA GLU B 299 -30.92 12.72 -24.31
C GLU B 299 -32.30 12.08 -24.50
N LEU B 300 -32.78 11.44 -23.42
CA LEU B 300 -34.07 10.78 -23.44
C LEU B 300 -35.18 11.79 -23.13
N LYS B 301 -36.34 11.56 -23.73
CA LYS B 301 -37.48 12.45 -23.57
C LYS B 301 -38.71 11.66 -23.13
N GLU B 302 -39.43 12.21 -22.16
CA GLU B 302 -40.68 11.65 -21.65
C GLU B 302 -41.82 12.09 -22.56
N VAL B 303 -42.54 11.14 -23.15
CA VAL B 303 -43.65 11.49 -24.04
C VAL B 303 -44.95 10.81 -23.62
N GLY B 304 -44.95 10.15 -22.46
CA GLY B 304 -46.14 9.55 -21.92
C GLY B 304 -47.37 10.45 -21.94
N PRO B 305 -47.23 11.72 -21.52
CA PRO B 305 -48.39 12.62 -21.49
C PRO B 305 -48.94 12.97 -22.87
N LEU B 306 -48.28 12.56 -23.94
CA LEU B 306 -48.76 12.73 -25.30
C LEU B 306 -49.71 11.63 -25.74
N PHE B 307 -49.79 10.50 -25.01
CA PHE B 307 -50.54 9.35 -25.49
C PHE B 307 -51.73 9.01 -24.60
N ARG B 308 -52.17 9.96 -23.76
CA ARG B 308 -53.26 9.64 -22.86
C ARG B 308 -54.58 9.54 -23.60
N GLN B 309 -54.66 10.06 -24.83
CA GLN B 309 -55.81 9.87 -25.71
C GLN B 309 -55.52 8.95 -26.88
N SER B 310 -54.47 8.12 -26.80
CA SER B 310 -54.07 7.34 -27.95
C SER B 310 -54.74 5.97 -28.00
N GLY B 311 -55.07 5.53 -29.21
CA GLY B 311 -55.57 4.18 -29.46
C GLY B 311 -54.55 3.08 -29.26
N PHE B 312 -53.28 3.44 -29.07
CA PHE B 312 -52.18 2.50 -28.88
C PHE B 312 -52.06 2.12 -27.40
N ARG B 313 -52.71 1.01 -27.04
CA ARG B 313 -52.85 0.64 -25.62
C ARG B 313 -51.50 0.42 -24.96
N VAL B 314 -50.49 -0.01 -25.73
CA VAL B 314 -49.19 -0.32 -25.14
C VAL B 314 -48.53 0.95 -24.66
N PHE B 315 -48.78 2.07 -25.36
CA PHE B 315 -48.38 3.39 -24.91
C PHE B 315 -49.34 3.92 -23.86
N GLN B 316 -50.65 3.82 -24.13
CA GLN B 316 -51.65 4.50 -23.30
C GLN B 316 -51.67 3.97 -21.87
N GLU B 317 -51.38 2.67 -21.67
CA GLU B 317 -51.37 2.14 -20.32
C GLU B 317 -50.05 2.34 -19.58
N ALA B 318 -48.96 2.66 -20.28
CA ALA B 318 -47.65 2.60 -19.65
C ALA B 318 -47.47 3.76 -18.67
N GLU B 319 -46.84 3.48 -17.52
CA GLU B 319 -46.45 4.56 -16.62
C GLU B 319 -45.61 5.62 -17.33
N SER B 320 -44.66 5.17 -18.15
CA SER B 320 -43.76 6.06 -18.88
C SER B 320 -43.56 5.57 -20.31
N VAL B 321 -43.44 6.50 -21.24
CA VAL B 321 -42.95 6.21 -22.58
C VAL B 321 -41.80 7.18 -22.85
N LYS B 322 -40.58 6.66 -22.94
CA LYS B 322 -39.41 7.46 -23.21
C LYS B 322 -39.07 7.36 -24.70
N ALA B 323 -38.68 8.50 -25.28
CA ALA B 323 -38.33 8.55 -26.69
C ALA B 323 -36.92 9.09 -26.88
N LEU B 324 -36.29 8.68 -27.98
CA LEU B 324 -34.94 9.12 -28.34
C LEU B 324 -34.89 9.27 -29.84
N ALA B 325 -34.38 10.42 -30.30
CA ALA B 325 -34.24 10.71 -31.72
C ALA B 325 -32.77 10.58 -32.13
N LEU B 326 -32.49 9.65 -33.04
CA LEU B 326 -31.17 9.38 -33.58
C LEU B 326 -31.03 10.06 -34.93
N PRO B 327 -29.93 10.77 -35.20
CA PRO B 327 -29.77 11.48 -36.48
C PRO B 327 -29.34 10.59 -37.65
N LYS B 328 -30.13 9.55 -37.91
CA LYS B 328 -29.82 8.60 -38.98
C LYS B 328 -31.03 7.72 -39.24
N ALA B 329 -31.17 7.29 -40.49
CA ALA B 329 -32.21 6.37 -40.92
C ALA B 329 -31.63 4.96 -40.76
N LEU B 330 -31.97 4.29 -39.65
CA LEU B 330 -31.38 2.99 -39.38
C LEU B 330 -31.91 1.94 -40.35
N SER B 331 -31.08 0.95 -40.64
CA SER B 331 -31.53 -0.24 -41.34
C SER B 331 -32.38 -1.11 -40.41
N ARG B 332 -33.21 -1.97 -41.02
CA ARG B 332 -34.01 -2.89 -40.22
C ARG B 332 -33.14 -3.83 -39.40
N LYS B 333 -31.94 -4.18 -39.90
CA LYS B 333 -31.04 -5.01 -39.10
C LYS B 333 -30.61 -4.29 -37.82
N GLU B 334 -30.20 -3.03 -37.97
CA GLU B 334 -29.75 -2.24 -36.82
C GLU B 334 -30.86 -2.03 -35.79
N VAL B 335 -32.07 -1.74 -36.27
CA VAL B 335 -33.23 -1.61 -35.38
C VAL B 335 -33.44 -2.90 -34.58
N ALA B 336 -33.38 -4.05 -35.24
CA ALA B 336 -33.57 -5.29 -34.50
C ALA B 336 -32.48 -5.49 -33.45
N GLU B 337 -31.26 -5.00 -33.75
CA GLU B 337 -30.18 -5.06 -32.77
C GLU B 337 -30.49 -4.22 -31.53
N LEU B 338 -30.90 -2.96 -31.74
CA LEU B 338 -31.29 -2.12 -30.61
C LEU B 338 -32.51 -2.67 -29.89
N GLU B 339 -33.46 -3.23 -30.63
CA GLU B 339 -34.58 -3.88 -29.97
C GLU B 339 -34.10 -5.02 -29.09
N GLU B 340 -33.09 -5.76 -29.54
CA GLU B 340 -32.58 -6.85 -28.72
C GLU B 340 -31.87 -6.31 -27.48
N VAL B 341 -31.08 -5.24 -27.65
CA VAL B 341 -30.50 -4.57 -26.49
C VAL B 341 -31.60 -4.15 -25.52
N ALA B 342 -32.64 -3.51 -26.04
CA ALA B 342 -33.75 -3.06 -25.21
C ALA B 342 -34.38 -4.21 -24.46
N LYS B 343 -34.64 -5.32 -25.16
CA LYS B 343 -35.28 -6.47 -24.54
C LYS B 343 -34.35 -7.13 -23.52
N ARG B 344 -33.05 -7.10 -23.76
CA ARG B 344 -32.09 -7.57 -22.76
C ARG B 344 -32.11 -6.76 -21.48
N HIS B 345 -32.62 -5.52 -21.52
CA HIS B 345 -32.74 -4.69 -20.32
C HIS B 345 -34.17 -4.60 -19.81
N LYS B 346 -34.98 -5.65 -20.00
CA LYS B 346 -36.29 -5.85 -19.38
C LYS B 346 -37.39 -5.06 -20.06
N ALA B 347 -37.12 -4.43 -21.20
CA ALA B 347 -38.15 -3.70 -21.92
C ALA B 347 -39.12 -4.66 -22.60
N GLN B 348 -40.36 -4.21 -22.79
CA GLN B 348 -41.34 -4.98 -23.54
C GLN B 348 -41.04 -4.97 -25.04
N GLY B 349 -40.24 -4.03 -25.51
CA GLY B 349 -39.94 -3.94 -26.92
C GLY B 349 -39.40 -2.57 -27.26
N LEU B 350 -39.15 -2.39 -28.56
CA LEU B 350 -38.63 -1.14 -29.10
C LEU B 350 -39.49 -0.77 -30.30
N ALA B 351 -40.04 0.43 -30.27
CA ALA B 351 -40.77 0.95 -31.42
C ALA B 351 -39.87 1.87 -32.23
N TRP B 352 -40.21 2.02 -33.50
CA TRP B 352 -39.37 2.79 -34.41
C TRP B 352 -40.23 3.43 -35.49
N ALA B 353 -39.65 4.40 -36.17
CA ALA B 353 -40.22 5.01 -37.36
C ALA B 353 -39.13 5.79 -38.07
N ARG B 354 -39.53 6.55 -39.09
CA ARG B 354 -38.65 7.50 -39.76
C ARG B 354 -39.30 8.87 -39.85
N VAL B 355 -38.48 9.91 -39.78
CA VAL B 355 -38.90 11.29 -39.98
C VAL B 355 -38.53 11.68 -41.40
N GLU B 356 -39.53 12.07 -42.17
CA GLU B 356 -39.47 12.50 -43.55
C GLU B 356 -40.00 13.94 -43.63
N GLU B 357 -40.00 14.50 -44.84
CA GLU B 357 -40.12 15.94 -45.01
C GLU B 357 -41.45 16.46 -44.47
N GLY B 358 -42.52 15.67 -44.57
CA GLY B 358 -43.81 16.12 -44.10
C GLY B 358 -44.44 15.11 -43.15
N GLY B 359 -44.35 13.82 -43.49
CA GLY B 359 -44.94 12.78 -42.68
C GLY B 359 -43.91 11.83 -42.10
N PHE B 360 -44.34 10.60 -41.80
CA PHE B 360 -43.51 9.62 -41.13
C PHE B 360 -43.52 8.34 -41.95
N SER B 361 -42.52 7.48 -41.75
CA SER B 361 -42.54 6.19 -42.44
C SER B 361 -41.85 5.10 -41.63
N GLY B 362 -42.38 3.90 -41.73
CA GLY B 362 -41.87 2.71 -41.07
C GLY B 362 -42.38 2.52 -39.65
N GLY B 363 -42.30 1.26 -39.20
CA GLY B 363 -42.68 0.86 -37.86
C GLY B 363 -44.04 1.34 -37.40
N VAL B 364 -44.03 2.10 -36.30
CA VAL B 364 -45.24 2.54 -35.63
C VAL B 364 -45.62 3.94 -36.11
N ALA B 365 -45.08 4.36 -37.26
CA ALA B 365 -45.29 5.71 -37.78
C ALA B 365 -46.77 6.06 -37.80
N LYS B 366 -47.63 5.08 -38.13
CA LYS B 366 -49.06 5.32 -38.17
C LYS B 366 -49.56 5.87 -36.84
N PHE B 367 -49.12 5.30 -35.73
CA PHE B 367 -49.64 5.77 -34.47
C PHE B 367 -48.93 7.04 -34.01
N LEU B 368 -47.83 7.42 -34.67
CA LEU B 368 -47.12 8.66 -34.37
C LEU B 368 -47.68 9.83 -35.15
N GLU B 369 -48.27 9.55 -36.32
CA GLU B 369 -48.81 10.62 -37.16
C GLU B 369 -49.87 11.47 -36.47
N PRO B 370 -50.84 10.93 -35.74
CA PRO B 370 -51.84 11.82 -35.09
C PRO B 370 -51.25 12.83 -34.11
N VAL B 371 -50.07 12.57 -33.54
CA VAL B 371 -49.46 13.48 -32.59
C VAL B 371 -48.11 13.99 -33.11
N ARG B 372 -48.14 14.96 -34.04
CA ARG B 372 -46.92 15.33 -34.73
C ARG B 372 -46.31 16.63 -34.22
N GLU B 373 -47.09 17.72 -34.15
CA GLU B 373 -46.54 19.01 -33.75
C GLU B 373 -45.85 18.92 -32.39
N ALA B 374 -46.56 18.37 -31.40
CA ALA B 374 -46.01 18.35 -30.04
C ALA B 374 -44.80 17.44 -29.96
N LEU B 375 -44.85 16.31 -30.67
CA LEU B 375 -43.75 15.34 -30.68
C LEU B 375 -42.47 15.94 -31.28
N LEU B 376 -42.60 16.66 -32.40
CA LEU B 376 -41.42 17.27 -33.00
C LEU B 376 -40.85 18.36 -32.11
N GLN B 377 -41.71 19.08 -31.37
CA GLN B 377 -41.21 20.08 -30.46
C GLN B 377 -40.50 19.43 -29.27
N ALA B 378 -41.03 18.29 -28.82
CA ALA B 378 -40.46 17.61 -27.66
C ALA B 378 -39.16 16.89 -27.97
N THR B 379 -38.98 16.40 -29.21
CA THR B 379 -37.80 15.64 -29.57
C THR B 379 -36.80 16.38 -30.44
N GLU B 380 -37.20 17.49 -31.09
CA GLU B 380 -36.35 18.25 -31.98
C GLU B 380 -35.85 17.42 -33.16
N ALA B 381 -36.57 16.35 -33.48
CA ALA B 381 -36.21 15.44 -34.55
C ALA B 381 -36.32 16.12 -35.91
N ARG B 382 -35.46 15.71 -36.83
CA ARG B 382 -35.35 16.29 -38.15
C ARG B 382 -35.51 15.21 -39.21
N PRO B 383 -35.87 15.58 -40.44
CA PRO B 383 -36.00 14.58 -41.50
C PRO B 383 -34.73 13.75 -41.70
N GLY B 384 -34.93 12.44 -41.86
CA GLY B 384 -33.83 11.49 -41.88
C GLY B 384 -33.54 10.80 -40.56
N ASP B 385 -34.15 11.26 -39.46
CA ASP B 385 -33.94 10.62 -38.18
C ASP B 385 -34.81 9.36 -38.02
N THR B 386 -34.42 8.55 -37.04
CA THR B 386 -35.19 7.40 -36.56
C THR B 386 -35.57 7.64 -35.11
N LEU B 387 -36.86 7.53 -34.80
CA LEU B 387 -37.37 7.67 -33.44
C LEU B 387 -37.54 6.30 -32.81
N LEU B 388 -37.03 6.15 -31.58
CA LEU B 388 -37.16 4.94 -30.79
C LEU B 388 -37.93 5.21 -29.51
N PHE B 389 -38.73 4.23 -29.09
CA PHE B 389 -39.56 4.33 -27.91
C PHE B 389 -39.51 3.04 -27.12
N VAL B 390 -39.49 3.18 -25.80
CA VAL B 390 -39.76 2.11 -24.86
C VAL B 390 -40.88 2.56 -23.94
N ALA B 391 -41.92 1.74 -23.80
CA ALA B 391 -43.04 2.03 -22.93
C ALA B 391 -43.01 1.06 -21.76
N GLY B 392 -43.23 1.59 -20.54
CA GLY B 392 -43.30 0.75 -19.37
C GLY B 392 -43.19 1.54 -18.09
N PRO B 393 -42.94 0.84 -16.97
CA PRO B 393 -42.59 1.51 -15.72
C PRO B 393 -41.42 2.47 -15.92
N ARG B 394 -41.42 3.56 -15.14
CA ARG B 394 -40.48 4.66 -15.40
C ARG B 394 -39.03 4.18 -15.36
N LYS B 395 -38.66 3.37 -14.37
CA LYS B 395 -37.26 2.98 -14.25
C LYS B 395 -36.86 2.02 -15.36
N VAL B 396 -37.76 1.09 -15.72
CA VAL B 396 -37.53 0.18 -16.84
C VAL B 396 -37.37 0.95 -18.15
N ALA B 397 -38.32 1.84 -18.45
CA ALA B 397 -38.32 2.58 -19.71
C ALA B 397 -37.06 3.41 -19.86
N ALA B 398 -36.61 4.03 -18.78
CA ALA B 398 -35.40 4.84 -18.82
C ALA B 398 -34.18 3.95 -19.04
N THR B 399 -34.07 2.88 -18.27
CA THR B 399 -32.87 2.06 -18.32
C THR B 399 -32.73 1.35 -19.66
N ALA B 400 -33.84 0.89 -20.24
CA ALA B 400 -33.75 0.18 -21.52
C ALA B 400 -33.36 1.13 -22.65
N LEU B 401 -33.99 2.30 -22.74
CA LEU B 401 -33.65 3.19 -23.83
C LEU B 401 -32.30 3.87 -23.62
N GLY B 402 -31.84 3.96 -22.37
CA GLY B 402 -30.50 4.45 -22.12
C GLY B 402 -29.44 3.49 -22.61
N ALA B 403 -29.70 2.19 -22.47
CA ALA B 403 -28.78 1.19 -23.02
C ALA B 403 -28.85 1.18 -24.55
N VAL B 404 -30.03 1.37 -25.11
CA VAL B 404 -30.14 1.57 -26.55
C VAL B 404 -29.32 2.79 -26.98
N ARG B 405 -29.40 3.87 -26.20
CA ARG B 405 -28.64 5.08 -26.50
C ARG B 405 -27.14 4.79 -26.56
N LEU B 406 -26.63 4.04 -25.58
CA LEU B 406 -25.20 3.74 -25.56
C LEU B 406 -24.79 2.87 -26.75
N ARG B 407 -25.58 1.83 -27.04
CA ARG B 407 -25.29 0.98 -28.18
C ARG B 407 -25.34 1.78 -29.48
N ALA B 408 -26.31 2.68 -29.60
CA ALA B 408 -26.46 3.46 -30.83
C ALA B 408 -25.25 4.36 -31.08
N ALA B 409 -24.60 4.84 -30.02
CA ALA B 409 -23.41 5.65 -30.23
C ALA B 409 -22.35 4.85 -30.97
N ASP B 410 -22.26 3.55 -30.67
CA ASP B 410 -21.31 2.71 -31.38
C ASP B 410 -21.74 2.46 -32.82
N LEU B 411 -23.00 2.04 -33.04
CA LEU B 411 -23.51 1.88 -34.40
C LEU B 411 -23.33 3.11 -35.27
N LEU B 412 -23.58 4.31 -34.73
CA LEU B 412 -23.43 5.51 -35.56
C LEU B 412 -21.99 5.99 -35.69
N GLY B 413 -21.04 5.36 -34.99
CA GLY B 413 -19.67 5.84 -34.98
C GLY B 413 -19.47 7.26 -34.50
N LEU B 414 -20.12 7.65 -33.41
CA LEU B 414 -19.90 8.98 -32.85
C LEU B 414 -18.51 9.08 -32.24
N LYS B 415 -17.82 10.19 -32.51
CA LYS B 415 -16.49 10.44 -31.97
C LYS B 415 -16.65 10.97 -30.55
N ARG B 416 -16.46 10.08 -29.58
CA ARG B 416 -16.51 10.42 -28.16
C ARG B 416 -15.08 10.64 -27.66
N GLU B 417 -14.79 11.84 -27.17
CA GLU B 417 -13.42 12.25 -26.88
C GLU B 417 -13.32 12.85 -25.48
N GLY B 418 -12.09 12.81 -24.95
CA GLY B 418 -11.78 13.53 -23.73
C GLY B 418 -12.32 12.87 -22.48
N PHE B 419 -12.34 13.67 -21.41
CA PHE B 419 -12.67 13.18 -20.08
C PHE B 419 -13.82 14.00 -19.55
N ARG B 420 -14.98 13.38 -19.43
CA ARG B 420 -16.20 14.05 -19.00
C ARG B 420 -16.61 13.48 -17.65
N PHE B 421 -16.19 14.17 -16.58
CA PHE B 421 -16.57 13.80 -15.23
C PHE B 421 -17.95 14.37 -14.88
N LEU B 422 -18.60 13.73 -13.92
CA LEU B 422 -19.79 14.33 -13.30
C LEU B 422 -20.06 13.64 -11.97
N TRP B 423 -20.70 14.38 -11.08
CA TRP B 423 -21.21 13.82 -9.84
C TRP B 423 -22.66 13.41 -10.03
N VAL B 424 -23.03 12.27 -9.47
CA VAL B 424 -24.42 11.88 -9.33
C VAL B 424 -24.71 11.90 -7.84
N VAL B 425 -25.73 12.66 -7.45
CA VAL B 425 -26.02 12.93 -6.05
C VAL B 425 -27.49 12.65 -5.78
N ASP B 426 -27.86 12.74 -4.50
CA ASP B 426 -29.25 12.52 -4.05
C ASP B 426 -29.74 11.12 -4.40
N PHE B 427 -28.88 10.13 -4.23
CA PHE B 427 -29.32 8.76 -4.39
C PHE B 427 -30.41 8.44 -3.36
N PRO B 428 -31.41 7.64 -3.72
CA PRO B 428 -32.31 7.12 -2.70
C PRO B 428 -31.56 6.21 -1.75
N LEU B 429 -32.08 6.07 -0.53
CA LEU B 429 -31.43 5.19 0.44
C LEU B 429 -31.62 3.72 0.07
N LEU B 430 -32.72 3.39 -0.60
CA LEU B 430 -33.05 2.02 -0.97
C LEU B 430 -33.23 1.90 -2.49
N GLU B 431 -32.75 0.79 -3.04
CA GLU B 431 -32.93 0.45 -4.45
C GLU B 431 -33.89 -0.72 -4.56
N TRP B 432 -34.80 -0.65 -5.51
CA TRP B 432 -35.78 -1.71 -5.72
C TRP B 432 -35.20 -2.77 -6.65
N ASP B 433 -35.06 -3.99 -6.14
CA ASP B 433 -34.63 -5.13 -6.96
C ASP B 433 -35.82 -5.58 -7.80
N GLU B 434 -35.77 -5.31 -9.11
CA GLU B 434 -36.87 -5.68 -9.98
C GLU B 434 -37.11 -7.19 -9.95
N GLU B 435 -36.04 -7.98 -9.84
CA GLU B 435 -36.14 -9.43 -9.81
C GLU B 435 -36.68 -9.92 -8.47
N GLU B 436 -35.85 -9.86 -7.42
CA GLU B 436 -36.20 -10.42 -6.10
C GLU B 436 -37.34 -9.68 -5.41
N GLU B 437 -37.90 -8.63 -6.01
CA GLU B 437 -39.01 -7.86 -5.45
C GLU B 437 -38.73 -7.44 -4.01
N ALA B 438 -37.60 -6.76 -3.82
CA ALA B 438 -37.18 -6.39 -2.47
C ALA B 438 -36.47 -5.05 -2.49
N TRP B 439 -36.38 -4.44 -1.30
CA TRP B 439 -35.60 -3.24 -1.09
C TRP B 439 -34.19 -3.63 -0.66
N THR B 440 -33.18 -3.06 -1.32
CA THR B 440 -31.80 -3.21 -0.93
C THR B 440 -31.12 -1.84 -0.95
N TYR B 441 -30.04 -1.72 -0.19
CA TYR B 441 -29.33 -0.44 -0.09
C TYR B 441 -28.37 -0.27 -1.27
N MET B 442 -28.42 0.92 -1.89
CA MET B 442 -27.52 1.21 -3.01
C MET B 442 -26.07 1.33 -2.52
N HIS B 443 -25.86 2.06 -1.43
CA HIS B 443 -24.58 2.14 -0.76
C HIS B 443 -24.70 1.46 0.60
N HIS B 444 -23.53 1.08 1.16
CA HIS B 444 -23.41 0.27 2.38
C HIS B 444 -24.21 0.85 3.56
N PRO B 445 -24.49 0.07 4.60
CA PRO B 445 -25.45 0.51 5.62
C PRO B 445 -24.98 1.64 6.54
N PHE B 446 -23.78 2.18 6.37
CA PHE B 446 -23.34 3.30 7.19
C PHE B 446 -23.59 4.65 6.52
N THR B 447 -24.27 4.64 5.38
CA THR B 447 -24.65 5.87 4.69
C THR B 447 -25.74 6.60 5.47
N SER B 448 -25.58 7.91 5.60
CA SER B 448 -26.55 8.68 6.36
C SER B 448 -27.79 9.00 5.50
N PRO B 449 -28.99 8.77 6.02
CA PRO B 449 -30.16 9.33 5.35
C PRO B 449 -30.11 10.85 5.40
N HIS B 450 -30.88 11.47 4.52
CA HIS B 450 -31.00 12.91 4.55
C HIS B 450 -31.69 13.32 5.85
N PRO B 451 -31.12 14.25 6.62
CA PRO B 451 -31.70 14.58 7.93
C PRO B 451 -33.15 15.05 7.86
N GLU B 452 -33.58 15.69 6.77
CA GLU B 452 -34.98 16.09 6.65
C GLU B 452 -35.91 14.88 6.49
N ASP B 453 -35.39 13.74 6.06
CA ASP B 453 -36.20 12.56 5.78
C ASP B 453 -36.21 11.56 6.92
N LEU B 454 -35.65 11.90 8.08
CA LEU B 454 -35.60 10.94 9.18
C LEU B 454 -36.98 10.45 9.61
N PRO B 455 -38.02 11.29 9.74
CA PRO B 455 -39.35 10.76 10.08
C PRO B 455 -39.95 9.85 9.01
N LEU B 456 -39.42 9.84 7.79
CA LEU B 456 -39.91 8.95 6.74
C LEU B 456 -39.30 7.55 6.83
N LEU B 457 -38.33 7.33 7.71
CA LEU B 457 -37.71 6.02 7.82
C LEU B 457 -38.73 4.95 8.19
N GLU B 458 -39.67 5.29 9.07
CA GLU B 458 -40.71 4.36 9.46
C GLU B 458 -42.03 4.62 8.77
N LYS B 459 -42.25 5.84 8.26
CA LYS B 459 -43.51 6.17 7.59
C LYS B 459 -43.49 5.73 6.14
N ASP B 460 -42.41 6.02 5.41
CA ASP B 460 -42.32 5.74 3.98
C ASP B 460 -40.86 5.60 3.54
N PRO B 461 -40.26 4.42 3.71
CA PRO B 461 -38.82 4.28 3.47
C PRO B 461 -38.39 4.54 2.03
N GLY B 462 -39.30 4.36 1.06
CA GLY B 462 -38.92 4.46 -0.34
C GLY B 462 -38.63 5.87 -0.81
N ARG B 463 -39.14 6.89 -0.11
CA ARG B 463 -38.85 8.28 -0.46
C ARG B 463 -37.68 8.85 0.33
N VAL B 464 -36.97 8.04 1.11
CA VAL B 464 -35.85 8.53 1.93
C VAL B 464 -34.64 8.73 1.04
N ARG B 465 -34.12 9.97 1.02
CA ARG B 465 -32.89 10.28 0.31
C ARG B 465 -31.68 9.96 1.18
N ALA B 466 -30.58 9.63 0.53
CA ALA B 466 -29.31 9.38 1.21
C ALA B 466 -28.33 10.49 0.86
N LEU B 467 -27.43 10.77 1.80
CA LEU B 467 -26.35 11.73 1.58
C LEU B 467 -25.16 11.03 0.91
N ALA B 468 -25.45 10.41 -0.25
CA ALA B 468 -24.47 9.65 -1.00
C ALA B 468 -24.24 10.27 -2.37
N TYR B 469 -23.14 9.87 -3.01
CA TYR B 469 -22.70 10.46 -4.26
C TYR B 469 -21.81 9.46 -4.99
N ASP B 470 -21.90 9.45 -6.31
CA ASP B 470 -20.99 8.71 -7.17
C ASP B 470 -20.22 9.69 -8.05
N LEU B 471 -18.97 9.36 -8.33
CA LEU B 471 -18.17 10.08 -9.31
C LEU B 471 -18.12 9.25 -10.59
N VAL B 472 -18.53 9.86 -11.70
CA VAL B 472 -18.63 9.17 -13.00
C VAL B 472 -17.66 9.82 -13.97
N LEU B 473 -16.96 8.97 -14.73
CA LEU B 473 -16.07 9.40 -15.81
C LEU B 473 -16.43 8.60 -17.06
N ASN B 474 -16.89 9.30 -18.10
CA ASN B 474 -17.10 8.69 -19.41
C ASN B 474 -18.00 7.46 -19.34
N GLY B 475 -19.08 7.56 -18.57
CA GLY B 475 -20.00 6.45 -18.41
C GLY B 475 -19.52 5.35 -17.49
N VAL B 476 -18.50 5.59 -16.67
CA VAL B 476 -17.93 4.59 -15.78
C VAL B 476 -17.93 5.15 -14.35
N GLU B 477 -18.41 4.38 -13.40
CA GLU B 477 -18.36 4.77 -11.99
C GLU B 477 -16.94 4.62 -11.47
N VAL B 478 -16.26 5.75 -11.21
CA VAL B 478 -14.89 5.73 -10.73
C VAL B 478 -14.77 6.07 -9.26
N GLY B 479 -15.86 6.45 -8.61
CA GLY B 479 -15.81 6.76 -7.20
C GLY B 479 -17.18 6.72 -6.60
N GLY B 480 -17.23 6.50 -5.28
CA GLY B 480 -18.49 6.48 -4.56
C GLY B 480 -18.22 6.71 -3.09
N GLY B 481 -19.17 7.38 -2.44
CA GLY B 481 -19.04 7.74 -1.04
C GLY B 481 -20.33 8.30 -0.48
N SER B 482 -20.26 8.80 0.75
CA SER B 482 -21.44 9.30 1.46
C SER B 482 -21.03 9.93 2.77
N ILE B 483 -21.93 10.78 3.29
CA ILE B 483 -21.85 11.20 4.69
C ILE B 483 -22.34 10.05 5.56
N ARG B 484 -21.66 9.81 6.68
CA ARG B 484 -21.94 8.64 7.51
C ARG B 484 -22.90 9.00 8.64
N ILE B 485 -23.44 7.94 9.24
CA ILE B 485 -24.18 8.09 10.49
C ILE B 485 -23.19 8.13 11.64
N HIS B 486 -23.27 9.17 12.47
CA HIS B 486 -22.43 9.23 13.66
C HIS B 486 -23.22 9.11 14.95
N ASP B 487 -24.55 8.99 14.88
CA ASP B 487 -25.37 8.81 16.07
C ASP B 487 -25.67 7.32 16.23
N PRO B 488 -25.29 6.70 17.36
CA PRO B 488 -25.50 5.25 17.49
C PRO B 488 -26.95 4.82 17.44
N ARG B 489 -27.87 5.62 17.98
CA ARG B 489 -29.29 5.26 17.90
C ARG B 489 -29.77 5.26 16.45
N LEU B 490 -29.39 6.26 15.67
CA LEU B 490 -29.80 6.31 14.27
C LEU B 490 -29.18 5.18 13.45
N GLN B 491 -27.95 4.77 13.78
CA GLN B 491 -27.33 3.67 13.04
C GLN B 491 -28.05 2.35 13.30
N ALA B 492 -28.48 2.13 14.55
CA ALA B 492 -29.27 0.94 14.84
C ALA B 492 -30.65 1.02 14.19
N ARG B 493 -31.24 2.22 14.19
CA ARG B 493 -32.52 2.45 13.52
C ARG B 493 -32.42 2.11 12.03
N VAL B 494 -31.33 2.52 11.37
CA VAL B 494 -31.16 2.21 9.96
C VAL B 494 -30.83 0.72 9.75
N PHE B 495 -30.11 0.09 10.68
CA PHE B 495 -29.92 -1.36 10.62
C PHE B 495 -31.24 -2.10 10.72
N ARG B 496 -32.13 -1.67 11.64
CA ARG B 496 -33.45 -2.27 11.74
C ARG B 496 -34.21 -2.18 10.41
N LEU B 497 -34.09 -1.04 9.74
CA LEU B 497 -34.78 -0.84 8.47
C LEU B 497 -34.28 -1.81 7.42
N LEU B 498 -32.97 -1.97 7.32
CA LEU B 498 -32.39 -2.87 6.33
C LEU B 498 -32.60 -4.36 6.68
N GLY B 499 -33.46 -4.71 7.64
CA GLY B 499 -33.70 -6.10 7.98
C GLY B 499 -32.55 -6.74 8.73
N ILE B 500 -32.03 -6.06 9.73
CA ILE B 500 -30.88 -6.52 10.53
C ILE B 500 -31.28 -6.37 12.00
N GLY B 501 -31.64 -7.48 12.64
CA GLY B 501 -32.04 -7.44 14.02
C GLY B 501 -30.87 -7.21 14.96
N GLU B 502 -31.21 -7.01 16.24
CA GLU B 502 -30.19 -6.66 17.23
C GLU B 502 -29.15 -7.77 17.41
N GLU B 503 -29.56 -9.03 17.24
CA GLU B 503 -28.60 -10.12 17.31
C GLU B 503 -27.57 -10.01 16.20
N GLU B 504 -28.03 -9.71 14.97
CA GLU B 504 -27.11 -9.60 13.86
C GLU B 504 -26.23 -8.36 13.98
N GLN B 505 -26.78 -7.27 14.53
CA GLN B 505 -25.99 -6.05 14.69
C GLN B 505 -24.81 -6.28 15.63
N ARG B 506 -25.05 -6.96 16.76
CA ARG B 506 -23.98 -7.19 17.73
C ARG B 506 -22.89 -8.08 17.15
N GLU B 507 -23.28 -9.11 16.39
CA GLU B 507 -22.32 -10.09 15.89
C GLU B 507 -21.42 -9.53 14.80
N LYS B 508 -21.93 -8.67 13.93
CA LYS B 508 -21.14 -8.14 12.82
C LYS B 508 -20.60 -6.74 13.05
N PHE B 509 -21.30 -5.90 13.81
CA PHE B 509 -20.95 -4.49 13.92
C PHE B 509 -20.96 -3.99 15.37
N GLY B 510 -21.04 -4.88 16.35
CA GLY B 510 -21.13 -4.44 17.74
C GLY B 510 -19.99 -3.53 18.16
N PHE B 511 -18.76 -3.88 17.79
CA PHE B 511 -17.61 -3.06 18.13
C PHE B 511 -17.72 -1.66 17.53
N PHE B 512 -18.34 -1.54 16.35
CA PHE B 512 -18.43 -0.23 15.72
C PHE B 512 -19.57 0.58 16.30
N LEU B 513 -20.69 -0.07 16.60
CA LEU B 513 -21.79 0.63 17.26
C LEU B 513 -21.36 1.14 18.63
N GLU B 514 -20.56 0.34 19.34
CA GLU B 514 -20.05 0.78 20.64
C GLU B 514 -19.14 1.99 20.48
N ALA B 515 -18.37 2.05 19.39
CA ALA B 515 -17.50 3.20 19.16
C ALA B 515 -18.30 4.48 18.94
N LEU B 516 -19.52 4.36 18.37
CA LEU B 516 -20.33 5.56 18.15
C LEU B 516 -20.83 6.16 19.46
N GLU B 517 -20.74 5.44 20.56
CA GLU B 517 -21.22 5.92 21.85
C GLU B 517 -20.20 6.77 22.60
N TYR B 518 -18.99 6.91 22.07
CA TYR B 518 -17.92 7.63 22.76
C TYR B 518 -17.65 8.99 22.14
N GLY B 519 -18.63 9.57 21.48
CA GLY B 519 -18.45 10.88 20.91
C GLY B 519 -17.88 10.81 19.51
N ALA B 520 -18.69 10.32 18.57
CA ALA B 520 -18.26 10.25 17.18
C ALA B 520 -18.56 11.58 16.50
N PRO B 521 -17.62 12.16 15.78
CA PRO B 521 -17.88 13.43 15.10
C PRO B 521 -18.68 13.19 13.84
N PRO B 522 -19.29 14.23 13.28
CA PRO B 522 -19.81 14.12 11.90
C PRO B 522 -18.66 13.84 10.95
N HIS B 523 -18.89 12.92 10.01
CA HIS B 523 -17.84 12.59 9.06
C HIS B 523 -18.46 12.02 7.79
N GLY B 524 -17.63 11.97 6.74
CA GLY B 524 -18.00 11.45 5.44
C GLY B 524 -16.75 11.22 4.62
N GLY B 525 -16.93 10.54 3.49
CA GLY B 525 -15.77 10.25 2.67
C GLY B 525 -16.14 9.63 1.33
N ILE B 526 -15.12 9.09 0.66
CA ILE B 526 -15.26 8.57 -0.68
C ILE B 526 -14.14 7.57 -0.93
N ALA B 527 -14.28 6.77 -1.97
CA ALA B 527 -13.21 5.91 -2.48
C ALA B 527 -13.24 5.91 -4.00
N TRP B 528 -12.09 6.14 -4.62
CA TRP B 528 -11.91 6.01 -6.05
C TRP B 528 -11.56 4.58 -6.42
N GLY B 529 -12.02 4.14 -7.59
CA GLY B 529 -11.47 2.94 -8.19
C GLY B 529 -10.23 3.28 -8.98
N LEU B 530 -9.04 3.12 -8.36
CA LEU B 530 -7.82 3.63 -8.98
C LEU B 530 -7.50 2.88 -10.27
N ASP B 531 -7.62 1.56 -10.28
CA ASP B 531 -7.39 0.81 -11.51
C ASP B 531 -8.35 1.26 -12.60
N ARG B 532 -9.63 1.46 -12.25
CA ARG B 532 -10.59 1.92 -13.24
C ARG B 532 -10.20 3.28 -13.80
N LEU B 533 -9.82 4.21 -12.92
CA LEU B 533 -9.37 5.52 -13.38
C LEU B 533 -8.20 5.41 -14.34
N LEU B 534 -7.17 4.65 -13.95
CA LEU B 534 -5.99 4.51 -14.80
C LEU B 534 -6.33 3.89 -16.14
N ALA B 535 -7.23 2.90 -16.15
CA ALA B 535 -7.67 2.30 -17.40
C ALA B 535 -8.29 3.34 -18.33
N LEU B 536 -9.10 4.25 -17.77
CA LEU B 536 -9.70 5.29 -18.59
C LEU B 536 -8.66 6.30 -19.05
N MET B 537 -7.72 6.66 -18.17
CA MET B 537 -6.69 7.63 -18.53
C MET B 537 -5.80 7.13 -19.67
N THR B 538 -5.63 5.82 -19.80
CA THR B 538 -4.76 5.24 -20.82
C THR B 538 -5.53 4.69 -22.00
N GLY B 539 -6.85 4.83 -22.02
CA GLY B 539 -7.65 4.20 -23.05
C GLY B 539 -7.53 2.69 -23.07
N SER B 540 -7.33 2.06 -21.90
CA SER B 540 -7.16 0.61 -21.89
C SER B 540 -8.52 -0.08 -21.89
N PRO B 541 -8.65 -1.23 -22.56
CA PRO B 541 -9.94 -1.94 -22.57
C PRO B 541 -10.23 -2.68 -21.27
N SER B 542 -9.24 -2.86 -20.40
CA SER B 542 -9.43 -3.60 -19.16
C SER B 542 -8.46 -3.08 -18.11
N ILE B 543 -8.85 -3.19 -16.84
CA ILE B 543 -7.95 -2.80 -15.76
C ILE B 543 -6.73 -3.70 -15.67
N ARG B 544 -6.72 -4.83 -16.38
CA ARG B 544 -5.56 -5.71 -16.40
C ARG B 544 -4.35 -5.04 -17.04
N GLU B 545 -4.57 -4.00 -17.85
CA GLU B 545 -3.49 -3.32 -18.56
C GLU B 545 -2.74 -2.31 -17.69
N VAL B 546 -3.25 -2.00 -16.50
CA VAL B 546 -2.64 -1.02 -15.61
C VAL B 546 -2.31 -1.63 -14.25
N ILE B 547 -2.34 -2.95 -14.16
CA ILE B 547 -1.94 -3.69 -12.97
C ILE B 547 -0.72 -4.51 -13.37
N ALA B 548 0.34 -4.46 -12.55
CA ALA B 548 1.60 -5.08 -12.95
C ALA B 548 1.44 -6.58 -13.17
N PHE B 549 0.88 -7.29 -12.18
CA PHE B 549 0.73 -8.75 -12.23
C PHE B 549 -0.71 -9.12 -11.91
N PRO B 550 -1.64 -8.92 -12.85
CA PRO B 550 -3.05 -9.20 -12.58
C PRO B 550 -3.39 -10.67 -12.78
N LYS B 551 -4.60 -11.03 -12.36
CA LYS B 551 -5.16 -12.34 -12.65
C LYS B 551 -5.79 -12.34 -14.03
N ASN B 552 -6.11 -13.52 -14.55
CA ASN B 552 -6.90 -13.61 -15.76
C ASN B 552 -8.38 -13.48 -15.39
N LYS B 553 -9.27 -13.72 -16.36
CA LYS B 553 -10.69 -13.47 -16.15
C LYS B 553 -11.32 -14.42 -15.15
N GLU B 554 -10.73 -15.59 -14.92
CA GLU B 554 -11.21 -16.54 -13.93
C GLU B 554 -10.44 -16.45 -12.61
N GLY B 555 -9.72 -15.35 -12.39
CA GLY B 555 -9.04 -15.16 -11.11
C GLY B 555 -7.82 -16.03 -10.90
N LYS B 556 -7.28 -16.63 -11.95
CA LYS B 556 -6.10 -17.47 -11.85
C LYS B 556 -4.87 -16.72 -12.33
N ASP B 557 -3.71 -17.13 -11.81
CA ASP B 557 -2.43 -16.51 -12.16
C ASP B 557 -1.65 -17.48 -13.04
N PRO B 558 -1.66 -17.32 -14.37
CA PRO B 558 -0.90 -18.23 -15.24
C PRO B 558 0.59 -18.17 -15.01
N LEU B 559 1.09 -17.01 -14.56
CA LEU B 559 2.52 -16.87 -14.31
C LEU B 559 2.98 -17.79 -13.19
N THR B 560 2.28 -17.78 -12.06
CA THR B 560 2.75 -18.52 -10.89
C THR B 560 2.07 -19.86 -10.68
N GLY B 561 0.93 -20.10 -11.33
CA GLY B 561 0.16 -21.30 -11.05
C GLY B 561 -0.84 -21.19 -9.91
N ALA B 562 -0.95 -20.01 -9.28
CA ALA B 562 -1.98 -19.82 -8.28
C ALA B 562 -3.34 -19.68 -8.95
N PRO B 563 -4.42 -20.16 -8.30
CA PRO B 563 -4.39 -20.94 -7.07
C PRO B 563 -4.04 -22.38 -7.37
N SER B 564 -3.56 -23.11 -6.37
CA SER B 564 -2.99 -24.43 -6.57
C SER B 564 -3.32 -25.27 -5.35
N PRO B 565 -3.18 -26.59 -5.44
CA PRO B 565 -3.35 -27.43 -4.25
C PRO B 565 -2.22 -27.17 -3.27
N VAL B 566 -2.45 -27.58 -2.03
CA VAL B 566 -1.41 -27.53 -1.00
C VAL B 566 -1.23 -28.93 -0.45
N PRO B 567 -0.06 -29.28 0.09
CA PRO B 567 0.13 -30.64 0.61
C PRO B 567 -0.95 -31.04 1.61
N GLU B 568 -1.29 -32.33 1.59
CA GLU B 568 -2.25 -32.84 2.57
C GLU B 568 -1.80 -32.55 3.99
N GLU B 569 -0.48 -32.53 4.23
CA GLU B 569 0.04 -32.22 5.56
C GLU B 569 -0.34 -30.81 5.98
N GLN B 570 -0.16 -29.83 5.08
CA GLN B 570 -0.47 -28.45 5.42
C GLN B 570 -1.96 -28.27 5.70
N LEU B 571 -2.81 -28.88 4.88
CA LEU B 571 -4.25 -28.75 5.09
C LEU B 571 -4.69 -29.42 6.38
N ARG B 572 -3.99 -30.48 6.78
CA ARG B 572 -4.27 -31.13 8.07
C ARG B 572 -3.97 -30.19 9.23
N GLU B 573 -2.88 -29.42 9.13
CA GLU B 573 -2.49 -28.55 10.23
C GLU B 573 -3.52 -27.46 10.50
N LEU B 574 -4.23 -27.03 9.47
CA LEU B 574 -5.29 -26.03 9.64
C LEU B 574 -6.58 -26.64 10.18
N GLY B 575 -6.66 -27.95 10.31
CA GLY B 575 -7.87 -28.57 10.82
C GLY B 575 -9.06 -28.53 9.88
N LEU B 576 -8.81 -28.37 8.58
CA LEU B 576 -9.86 -28.35 7.58
C LEU B 576 -9.64 -29.48 6.58
N MET B 577 -10.70 -29.84 5.86
CA MET B 577 -10.62 -30.83 4.79
C MET B 577 -11.57 -30.46 3.68
N VAL B 578 -11.28 -30.97 2.48
CA VAL B 578 -12.11 -30.72 1.31
C VAL B 578 -13.35 -31.60 1.37
N VAL B 579 -14.52 -31.00 1.22
CA VAL B 579 -15.77 -31.75 1.25
C VAL B 579 -15.87 -32.63 0.00
N ARG B 580 -16.26 -33.88 0.19
CA ARG B 580 -16.34 -34.83 -0.91
C ARG B 580 -17.65 -34.64 -1.66
N PRO B 581 -17.63 -34.50 -3.00
CA PRO B 581 -18.87 -34.38 -3.77
C PRO B 581 -19.70 -35.65 -3.72
#